data_2CMH
#
_entry.id   2CMH
#
_cell.length_a   98.526
_cell.length_b   126.468
_cell.length_c   143.948
_cell.angle_alpha   90.00
_cell.angle_beta   90.00
_cell.angle_gamma   90.00
#
_symmetry.space_group_name_H-M   'C 2 2 21'
#
loop_
_entity.id
_entity.type
_entity.pdbx_description
1 polymer 'SPERMIDINE SYNTHASE'
2 water water
#
_entity_poly.entity_id   1
_entity_poly.type   'polypeptide(L)'
_entity_poly.pdbx_seq_one_letter_code
;MWITQEITPYLRKEYTIEAKLLDVRSEHNILEIFKSKDFGEIAMLNRQLLFKNFLHIESELLAHMGGCTKKELKEVLIVD
GFDLELAHQLFKYDTHIDFVQADEKILDSFISFFPHFHEVKNNKNFTHAKQLLDLDIKKYDLIFCLQEPDIHRIDGLKRM
LKEDGVFISVAKHPLLEHVSMQNALKNMGGVFSVAMPFVAPLRILSNKGYIYASFKTHPLKDLMTPKIEALTSVRYYNED
IHRAAFALPKNLQEVFKDNIKS
;
_entity_poly.pdbx_strand_id   A,B,C
#
# COMPACT_ATOMS: atom_id res chain seq x y z
N MET A 1 0.35 -42.47 -3.94
CA MET A 1 1.69 -42.86 -3.42
C MET A 1 2.49 -41.64 -2.94
N TRP A 2 2.09 -40.47 -3.43
CA TRP A 2 2.74 -39.23 -3.02
C TRP A 2 1.78 -38.04 -3.04
N ILE A 3 1.86 -37.21 -2.01
CA ILE A 3 1.03 -36.02 -1.90
C ILE A 3 1.83 -34.79 -2.27
N THR A 4 1.18 -33.83 -2.93
CA THR A 4 1.83 -32.59 -3.36
C THR A 4 1.13 -31.33 -2.88
N GLN A 5 1.81 -30.56 -2.03
CA GLN A 5 1.24 -29.30 -1.59
C GLN A 5 2.15 -28.19 -2.12
N GLU A 6 1.60 -27.38 -3.03
CA GLU A 6 2.35 -26.30 -3.65
C GLU A 6 2.39 -25.08 -2.76
N ILE A 7 3.59 -24.52 -2.59
CA ILE A 7 3.79 -23.34 -1.77
C ILE A 7 3.66 -22.12 -2.69
N THR A 8 4.24 -22.27 -3.88
CA THR A 8 4.20 -21.24 -4.89
C THR A 8 4.25 -21.97 -6.23
N PRO A 9 3.96 -21.26 -7.34
CA PRO A 9 3.98 -21.89 -8.66
C PRO A 9 5.28 -22.65 -8.96
N TYR A 10 6.36 -22.28 -8.27
CA TYR A 10 7.66 -22.92 -8.50
C TYR A 10 8.26 -23.68 -7.33
N LEU A 11 7.45 -23.94 -6.31
CA LEU A 11 7.93 -24.68 -5.16
C LEU A 11 6.86 -25.59 -4.58
N ARG A 12 7.18 -26.87 -4.43
CA ARG A 12 6.24 -27.85 -3.90
C ARG A 12 6.88 -28.75 -2.84
N LYS A 13 6.04 -29.36 -2.02
CA LYS A 13 6.49 -30.28 -1.00
C LYS A 13 5.82 -31.60 -1.36
N GLU A 14 6.64 -32.60 -1.66
CA GLU A 14 6.11 -33.90 -2.02
C GLU A 14 6.23 -34.87 -0.84
N TYR A 15 5.09 -35.38 -0.39
CA TYR A 15 5.03 -36.33 0.71
C TYR A 15 4.86 -37.72 0.13
N THR A 16 5.69 -38.68 0.53
CA THR A 16 5.51 -40.04 0.03
C THR A 16 4.63 -40.73 1.05
N ILE A 17 3.51 -41.28 0.60
CA ILE A 17 2.61 -41.96 1.51
C ILE A 17 2.47 -43.42 1.13
N GLU A 18 2.07 -44.26 2.09
CA GLU A 18 1.94 -45.69 1.85
C GLU A 18 0.60 -46.13 1.26
N ALA A 19 -0.44 -45.32 1.46
CA ALA A 19 -1.76 -45.67 0.96
C ALA A 19 -2.80 -44.63 1.32
N LYS A 20 -3.96 -44.73 0.69
CA LYS A 20 -5.07 -43.83 0.98
C LYS A 20 -5.97 -44.65 1.87
N LEU A 21 -6.19 -44.19 3.10
CA LEU A 21 -6.98 -44.93 4.06
C LEU A 21 -8.47 -44.55 4.10
N LEU A 22 -8.78 -43.30 3.81
CA LEU A 22 -10.16 -42.86 3.88
C LEU A 22 -10.41 -41.66 2.99
N ASP A 23 -11.60 -41.62 2.43
CA ASP A 23 -12.03 -40.54 1.56
C ASP A 23 -13.49 -40.26 1.84
N VAL A 24 -13.76 -39.21 2.63
CA VAL A 24 -15.12 -38.87 2.98
C VAL A 24 -15.44 -37.47 2.50
N ARG A 25 -16.60 -37.31 1.86
CA ARG A 25 -17.00 -36.02 1.30
C ARG A 25 -18.45 -35.69 1.62
N SER A 26 -18.67 -34.61 2.37
CA SER A 26 -20.05 -34.18 2.67
C SER A 26 -20.28 -33.03 1.72
N GLU A 27 -21.39 -32.32 1.87
CA GLU A 27 -21.67 -31.19 0.98
C GLU A 27 -20.73 -30.02 1.21
N HIS A 28 -20.23 -29.87 2.43
CA HIS A 28 -19.40 -28.73 2.73
C HIS A 28 -17.93 -28.97 2.94
N ASN A 29 -17.55 -30.20 3.26
CA ASN A 29 -16.16 -30.49 3.50
C ASN A 29 -15.72 -31.79 2.86
N ILE A 30 -14.42 -31.87 2.56
CA ILE A 30 -13.84 -33.06 1.97
C ILE A 30 -12.64 -33.46 2.81
N LEU A 31 -12.62 -34.72 3.22
CA LEU A 31 -11.52 -35.24 4.03
C LEU A 31 -10.92 -36.49 3.42
N GLU A 32 -9.59 -36.58 3.49
CA GLU A 32 -8.87 -37.74 2.97
C GLU A 32 -7.73 -38.02 3.92
N ILE A 33 -7.58 -39.28 4.33
CA ILE A 33 -6.50 -39.60 5.24
C ILE A 33 -5.55 -40.55 4.54
N PHE A 34 -4.26 -40.36 4.79
CA PHE A 34 -3.23 -41.18 4.19
C PHE A 34 -2.32 -41.76 5.26
N LYS A 35 -1.76 -42.94 4.99
CA LYS A 35 -0.85 -43.55 5.95
C LYS A 35 0.53 -43.01 5.63
N SER A 36 1.26 -42.62 6.66
CA SER A 36 2.60 -42.08 6.45
C SER A 36 3.64 -42.59 7.43
N LYS A 37 4.82 -42.89 6.91
CA LYS A 37 5.89 -43.35 7.77
C LYS A 37 6.54 -42.19 8.52
N ASP A 38 6.24 -40.97 8.11
CA ASP A 38 6.80 -39.83 8.82
C ASP A 38 5.89 -39.38 9.95
N PHE A 39 4.57 -39.39 9.73
CA PHE A 39 3.63 -38.92 10.75
C PHE A 39 2.52 -39.89 11.16
N GLY A 40 2.62 -41.13 10.67
CA GLY A 40 1.59 -42.11 10.99
C GLY A 40 0.47 -41.96 9.99
N GLU A 41 -0.13 -40.78 10.02
CA GLU A 41 -1.22 -40.46 9.12
C GLU A 41 -1.20 -38.96 8.81
N ILE A 42 -1.51 -38.62 7.57
CA ILE A 42 -1.59 -37.24 7.14
C ILE A 42 -3.03 -37.07 6.69
N ALA A 43 -3.73 -36.10 7.28
CA ALA A 43 -5.12 -35.86 6.90
C ALA A 43 -5.19 -34.60 6.04
N MET A 44 -5.99 -34.66 4.98
CA MET A 44 -6.15 -33.52 4.10
C MET A 44 -7.58 -33.03 4.24
N LEU A 45 -7.76 -31.96 5.00
CA LEU A 45 -9.07 -31.35 5.22
C LEU A 45 -9.18 -30.12 4.33
N ASN A 46 -10.08 -30.16 3.35
CA ASN A 46 -10.23 -29.04 2.42
C ASN A 46 -8.87 -28.61 1.88
N ARG A 47 -8.08 -29.58 1.44
CA ARG A 47 -6.75 -29.38 0.89
C ARG A 47 -5.70 -28.84 1.88
N GLN A 48 -6.07 -28.71 3.16
CA GLN A 48 -5.10 -28.25 4.16
C GLN A 48 -4.62 -29.51 4.87
N LEU A 49 -3.33 -29.58 5.17
CA LEU A 49 -2.73 -30.75 5.78
C LEU A 49 -2.56 -30.79 7.29
N LEU A 50 -2.93 -31.94 7.87
CA LEU A 50 -2.85 -32.21 9.30
C LEU A 50 -1.94 -33.44 9.52
N PHE A 51 -1.04 -33.34 10.49
CA PHE A 51 -0.08 -34.41 10.79
C PHE A 51 -0.33 -35.03 12.16
N LYS A 52 -0.70 -36.31 12.16
CA LYS A 52 -1.04 -37.05 13.37
C LYS A 52 -0.08 -36.99 14.54
N ASN A 53 1.21 -37.23 14.28
CA ASN A 53 2.18 -37.24 15.36
C ASN A 53 2.65 -35.84 15.75
N PHE A 54 2.00 -34.84 15.16
CA PHE A 54 2.31 -33.46 15.46
C PHE A 54 1.07 -32.66 15.85
N LEU A 55 -0.06 -33.32 15.97
CA LEU A 55 -1.29 -32.65 16.35
C LEU A 55 -1.18 -31.90 17.68
N HIS A 56 -0.25 -32.31 18.54
CA HIS A 56 -0.08 -31.67 19.83
C HIS A 56 0.53 -30.26 19.82
N ILE A 57 1.32 -29.90 18.82
CA ILE A 57 1.92 -28.56 18.83
C ILE A 57 0.91 -27.42 18.86
N GLU A 58 -0.01 -27.40 17.90
CA GLU A 58 -0.98 -26.32 17.82
C GLU A 58 -2.06 -26.45 18.88
N SER A 59 -2.47 -27.68 19.19
CA SER A 59 -3.48 -27.87 20.22
C SER A 59 -2.95 -27.35 21.57
N GLU A 60 -1.67 -27.60 21.87
CA GLU A 60 -1.10 -27.10 23.13
C GLU A 60 -0.99 -25.58 23.12
N LEU A 61 -0.60 -25.04 21.97
CA LEU A 61 -0.44 -23.59 21.82
C LEU A 61 -1.73 -22.82 22.08
N LEU A 62 -2.75 -23.08 21.29
CA LEU A 62 -4.01 -22.35 21.45
C LEU A 62 -4.60 -22.53 22.84
N ALA A 63 -4.72 -23.79 23.24
CA ALA A 63 -5.29 -24.15 24.53
C ALA A 63 -4.70 -23.42 25.74
N HIS A 64 -3.38 -23.46 25.87
CA HIS A 64 -2.73 -22.87 27.01
C HIS A 64 -2.41 -21.41 26.82
N MET A 65 -2.47 -20.96 25.56
CA MET A 65 -2.29 -19.55 25.24
C MET A 65 -3.43 -18.90 26.03
N GLY A 66 -4.62 -19.47 25.91
CA GLY A 66 -5.77 -18.94 26.62
C GLY A 66 -5.80 -19.32 28.09
N GLY A 67 -5.58 -20.60 28.39
CA GLY A 67 -5.64 -21.06 29.76
C GLY A 67 -4.63 -20.45 30.72
N CYS A 68 -3.44 -20.13 30.21
CA CYS A 68 -2.39 -19.56 31.05
C CYS A 68 -2.44 -18.04 31.14
N THR A 69 -3.49 -17.43 30.61
CA THR A 69 -3.62 -15.97 30.66
C THR A 69 -4.93 -15.57 31.34
N LYS A 70 -5.74 -16.58 31.63
CA LYS A 70 -7.01 -16.39 32.31
C LYS A 70 -6.88 -16.91 33.72
N LYS A 71 -7.64 -16.32 34.64
CA LYS A 71 -7.62 -16.73 36.03
C LYS A 71 -8.19 -18.12 36.19
N GLU A 72 -9.39 -18.32 35.68
CA GLU A 72 -10.02 -19.62 35.78
C GLU A 72 -10.91 -19.85 34.58
N LEU A 73 -10.81 -21.05 34.01
CA LEU A 73 -11.60 -21.45 32.85
C LEU A 73 -12.83 -22.25 33.26
N LYS A 74 -14.01 -21.66 33.17
CA LYS A 74 -15.21 -22.41 33.51
C LYS A 74 -16.02 -22.71 32.26
N GLU A 75 -16.09 -21.74 31.37
CA GLU A 75 -16.84 -21.88 30.13
C GLU A 75 -16.02 -21.52 28.87
N VAL A 76 -15.89 -22.50 27.97
CA VAL A 76 -15.15 -22.32 26.72
C VAL A 76 -16.04 -22.66 25.53
N LEU A 77 -15.89 -21.89 24.45
CA LEU A 77 -16.67 -22.14 23.24
C LEU A 77 -15.76 -22.35 22.02
N ILE A 78 -16.06 -23.36 21.20
CA ILE A 78 -15.27 -23.63 20.00
C ILE A 78 -16.21 -23.74 18.80
N VAL A 79 -15.97 -22.94 17.76
CA VAL A 79 -16.82 -22.96 16.56
C VAL A 79 -16.10 -22.98 15.23
N ASP A 80 -16.82 -23.44 14.21
CA ASP A 80 -16.31 -23.50 12.84
C ASP A 80 -15.13 -24.40 12.56
N GLY A 81 -14.97 -25.48 13.34
CA GLY A 81 -13.84 -26.37 13.10
C GLY A 81 -13.99 -27.83 13.53
N PHE A 82 -12.91 -28.59 13.44
CA PHE A 82 -12.94 -30.02 13.78
C PHE A 82 -11.91 -30.57 14.77
N ASP A 83 -10.97 -29.77 15.27
CA ASP A 83 -10.00 -30.42 16.17
C ASP A 83 -10.44 -30.59 17.61
N LEU A 84 -10.62 -31.85 17.97
CA LEU A 84 -11.01 -32.20 19.33
C LEU A 84 -9.78 -32.22 20.22
N GLU A 85 -8.59 -32.13 19.60
CA GLU A 85 -7.35 -32.13 20.36
C GLU A 85 -7.20 -30.81 21.11
N LEU A 86 -7.66 -29.73 20.50
CA LEU A 86 -7.65 -28.42 21.11
C LEU A 86 -8.45 -28.60 22.41
N ALA A 87 -9.62 -29.24 22.27
CA ALA A 87 -10.50 -29.49 23.40
C ALA A 87 -9.86 -30.47 24.39
N HIS A 88 -9.10 -31.42 23.87
CA HIS A 88 -8.43 -32.37 24.75
C HIS A 88 -7.47 -31.62 25.71
N GLN A 89 -6.67 -30.72 25.16
CA GLN A 89 -5.70 -29.93 25.93
C GLN A 89 -6.39 -29.00 26.90
N LEU A 90 -7.54 -28.48 26.49
CA LEU A 90 -8.28 -27.59 27.35
C LEU A 90 -8.79 -28.31 28.59
N PHE A 91 -9.23 -29.55 28.42
CA PHE A 91 -9.74 -30.34 29.53
C PHE A 91 -8.71 -30.64 30.61
N LYS A 92 -7.49 -30.11 30.45
CA LYS A 92 -6.45 -30.26 31.50
C LYS A 92 -6.94 -29.41 32.67
N TYR A 93 -7.68 -28.37 32.34
CA TYR A 93 -8.29 -27.47 33.33
C TYR A 93 -9.72 -27.99 33.51
N ASP A 94 -10.27 -27.77 34.70
CA ASP A 94 -11.63 -28.23 34.99
C ASP A 94 -12.63 -27.22 34.43
N THR A 95 -12.92 -27.34 33.14
CA THR A 95 -13.82 -26.41 32.51
C THR A 95 -14.85 -27.13 31.63
N HIS A 96 -15.86 -26.39 31.20
CA HIS A 96 -16.85 -26.96 30.30
C HIS A 96 -16.47 -26.54 28.90
N ILE A 97 -16.79 -27.35 27.92
CA ILE A 97 -16.47 -26.99 26.55
C ILE A 97 -17.68 -27.19 25.66
N ASP A 98 -18.06 -26.13 24.93
CA ASP A 98 -19.18 -26.20 24.00
C ASP A 98 -18.58 -26.20 22.61
N PHE A 99 -18.61 -27.35 21.96
CA PHE A 99 -18.04 -27.48 20.64
C PHE A 99 -19.21 -27.55 19.64
N VAL A 100 -19.31 -26.58 18.74
CA VAL A 100 -20.38 -26.63 17.74
C VAL A 100 -19.81 -26.89 16.35
N GLN A 101 -20.41 -27.85 15.65
CA GLN A 101 -20.02 -28.22 14.31
C GLN A 101 -21.13 -29.08 13.77
N ALA A 102 -21.78 -28.64 12.70
CA ALA A 102 -22.88 -29.39 12.12
C ALA A 102 -22.48 -30.51 11.19
N ASP A 103 -21.24 -30.53 10.73
CA ASP A 103 -20.81 -31.60 9.85
C ASP A 103 -20.32 -32.78 10.67
N GLU A 104 -21.27 -33.57 11.17
CA GLU A 104 -20.93 -34.73 11.98
C GLU A 104 -20.25 -35.78 11.13
N LYS A 105 -20.67 -35.87 9.87
CA LYS A 105 -20.08 -36.84 8.95
C LYS A 105 -18.56 -36.71 8.96
N ILE A 106 -18.05 -35.53 8.57
CA ILE A 106 -16.60 -35.33 8.55
C ILE A 106 -15.97 -35.40 9.94
N LEU A 107 -16.63 -34.84 10.95
CA LEU A 107 -16.09 -34.83 12.31
C LEU A 107 -15.74 -36.21 12.88
N ASP A 108 -16.69 -37.14 12.76
CA ASP A 108 -16.55 -38.51 13.24
C ASP A 108 -15.63 -39.33 12.35
N SER A 109 -15.31 -38.81 11.17
CA SER A 109 -14.41 -39.50 10.26
C SER A 109 -12.98 -39.38 10.79
N PHE A 110 -12.83 -38.72 11.93
CA PHE A 110 -11.53 -38.51 12.57
C PHE A 110 -11.30 -39.45 13.73
N ILE A 111 -12.24 -40.37 13.92
CA ILE A 111 -12.18 -41.35 15.00
C ILE A 111 -10.81 -41.98 15.27
N SER A 112 -10.05 -42.27 14.21
CA SER A 112 -8.73 -42.90 14.35
C SER A 112 -7.55 -41.92 14.22
N PHE A 113 -7.82 -40.76 13.64
CA PHE A 113 -6.79 -39.76 13.44
C PHE A 113 -6.46 -39.01 14.72
N PHE A 114 -7.48 -38.55 15.43
CA PHE A 114 -7.27 -37.83 16.69
C PHE A 114 -7.08 -38.84 17.81
N PRO A 115 -5.83 -39.02 18.26
CA PRO A 115 -5.50 -39.98 19.34
C PRO A 115 -6.34 -39.91 20.62
N HIS A 116 -6.93 -38.75 20.92
CA HIS A 116 -7.74 -38.60 22.12
C HIS A 116 -9.20 -38.37 21.71
N PHE A 117 -9.54 -38.86 20.52
CA PHE A 117 -10.89 -38.70 20.00
C PHE A 117 -11.99 -39.11 20.98
N HIS A 118 -12.04 -40.40 21.29
CA HIS A 118 -13.07 -40.92 22.18
C HIS A 118 -13.08 -40.26 23.54
N GLU A 119 -11.91 -39.97 24.08
CA GLU A 119 -11.80 -39.31 25.38
C GLU A 119 -12.46 -37.92 25.42
N VAL A 120 -12.32 -37.19 24.33
CA VAL A 120 -12.92 -35.86 24.24
C VAL A 120 -14.42 -35.95 24.07
N LYS A 121 -14.87 -36.81 23.17
CA LYS A 121 -16.31 -36.94 22.92
C LYS A 121 -17.12 -37.58 24.06
N ASN A 122 -16.47 -38.39 24.90
CA ASN A 122 -17.16 -39.04 26.03
C ASN A 122 -17.09 -38.22 27.32
N ASN A 123 -16.38 -37.09 27.27
CA ASN A 123 -16.27 -36.22 28.43
C ASN A 123 -17.62 -35.57 28.75
N LYS A 124 -18.03 -35.68 30.01
CA LYS A 124 -19.31 -35.13 30.46
C LYS A 124 -19.39 -33.62 30.34
N ASN A 125 -18.23 -32.97 30.33
CA ASN A 125 -18.22 -31.52 30.21
C ASN A 125 -17.98 -31.01 28.80
N PHE A 126 -18.11 -31.88 27.81
CA PHE A 126 -17.96 -31.49 26.42
C PHE A 126 -19.37 -31.57 25.80
N THR A 127 -19.88 -30.45 25.28
CA THR A 127 -21.20 -30.46 24.65
C THR A 127 -21.07 -30.23 23.17
N HIS A 128 -21.16 -31.29 22.37
CA HIS A 128 -21.09 -31.11 20.94
C HIS A 128 -22.45 -30.60 20.46
N ALA A 129 -22.46 -29.40 19.86
CA ALA A 129 -23.69 -28.83 19.36
C ALA A 129 -23.67 -28.67 17.84
N LYS A 130 -24.83 -28.69 17.21
CA LYS A 130 -24.89 -28.55 15.76
C LYS A 130 -25.00 -27.09 15.34
N GLN A 131 -25.68 -26.32 16.18
CA GLN A 131 -25.88 -24.89 15.93
C GLN A 131 -25.63 -24.17 17.25
N LEU A 132 -25.12 -22.95 17.18
CA LEU A 132 -24.86 -22.15 18.38
C LEU A 132 -26.10 -22.04 19.25
N LEU A 133 -27.23 -21.73 18.62
CA LEU A 133 -28.48 -21.55 19.34
C LEU A 133 -28.95 -22.77 20.13
N ASP A 134 -28.35 -23.93 19.88
CA ASP A 134 -28.74 -25.15 20.60
C ASP A 134 -28.17 -25.14 22.01
N LEU A 135 -27.24 -24.23 22.26
CA LEU A 135 -26.60 -24.11 23.57
C LEU A 135 -27.36 -23.27 24.58
N ASP A 136 -26.95 -23.36 25.85
CA ASP A 136 -27.54 -22.56 26.91
C ASP A 136 -27.09 -21.10 26.71
N ILE A 137 -27.77 -20.18 27.38
CA ILE A 137 -27.43 -18.77 27.29
C ILE A 137 -26.34 -18.53 28.32
N LYS A 138 -25.18 -18.07 27.85
CA LYS A 138 -24.08 -17.79 28.75
C LYS A 138 -22.94 -17.01 28.10
N LYS A 139 -22.11 -16.45 28.98
CA LYS A 139 -20.93 -15.67 28.63
C LYS A 139 -19.73 -16.61 28.78
N TYR A 140 -18.83 -16.62 27.81
CA TYR A 140 -17.67 -17.50 27.85
C TYR A 140 -16.37 -16.84 28.30
N ASP A 141 -15.57 -17.61 29.04
CA ASP A 141 -14.28 -17.12 29.51
C ASP A 141 -13.36 -17.03 28.30
N LEU A 142 -13.48 -18.01 27.42
CA LEU A 142 -12.65 -18.10 26.22
C LEU A 142 -13.42 -18.68 25.03
N ILE A 143 -13.17 -18.13 23.85
CA ILE A 143 -13.79 -18.57 22.60
C ILE A 143 -12.68 -18.80 21.57
N PHE A 144 -12.87 -19.82 20.73
CA PHE A 144 -11.94 -20.17 19.66
C PHE A 144 -12.73 -20.28 18.36
N CYS A 145 -12.29 -19.60 17.32
CA CYS A 145 -12.96 -19.67 16.03
C CYS A 145 -11.93 -20.36 15.14
N LEU A 146 -12.21 -21.60 14.74
CA LEU A 146 -11.27 -22.41 13.96
C LEU A 146 -11.03 -22.08 12.49
N GLN A 147 -11.81 -21.13 11.96
CA GLN A 147 -11.67 -20.64 10.60
C GLN A 147 -11.80 -19.12 10.73
N GLU A 148 -11.15 -18.36 9.86
CA GLU A 148 -11.27 -16.92 9.97
C GLU A 148 -12.72 -16.49 9.77
N PRO A 149 -13.27 -15.79 10.78
CA PRO A 149 -14.64 -15.30 10.78
C PRO A 149 -14.89 -14.01 10.00
N ASP A 150 -15.99 -13.96 9.25
CA ASP A 150 -16.34 -12.74 8.51
C ASP A 150 -16.69 -11.70 9.56
N ILE A 151 -16.98 -10.49 9.11
CA ILE A 151 -17.29 -9.42 10.04
C ILE A 151 -18.50 -9.71 10.93
N HIS A 152 -19.53 -10.34 10.36
CA HIS A 152 -20.74 -10.63 11.13
C HIS A 152 -20.58 -11.68 12.23
N ARG A 153 -19.77 -12.70 11.99
CA ARG A 153 -19.56 -13.73 13.01
C ARG A 153 -18.87 -13.12 14.22
N ILE A 154 -17.92 -12.22 13.96
CA ILE A 154 -17.16 -11.53 15.01
C ILE A 154 -18.08 -10.84 16.04
N ASP A 155 -19.05 -10.07 15.57
CA ASP A 155 -19.97 -9.39 16.47
C ASP A 155 -20.88 -10.37 17.22
N GLY A 156 -21.22 -11.47 16.56
CA GLY A 156 -22.06 -12.47 17.19
C GLY A 156 -21.34 -13.11 18.36
N LEU A 157 -20.08 -13.48 18.14
CA LEU A 157 -19.29 -14.11 19.18
C LEU A 157 -18.84 -13.10 20.23
N LYS A 158 -18.51 -11.89 19.78
CA LYS A 158 -18.07 -10.83 20.68
C LYS A 158 -18.99 -10.67 21.89
N ARG A 159 -20.29 -10.73 21.64
CA ARG A 159 -21.31 -10.54 22.67
C ARG A 159 -21.56 -11.75 23.58
N MET A 160 -20.87 -12.85 23.30
CA MET A 160 -21.01 -14.08 24.07
C MET A 160 -19.82 -14.19 25.03
N LEU A 161 -18.91 -13.24 24.90
CA LEU A 161 -17.69 -13.20 25.69
C LEU A 161 -17.74 -12.40 27.01
N LYS A 162 -17.16 -12.97 28.06
CA LYS A 162 -17.12 -12.30 29.37
C LYS A 162 -16.24 -11.06 29.27
N GLU A 163 -16.58 -10.03 30.03
CA GLU A 163 -15.82 -8.78 30.03
C GLU A 163 -14.32 -9.03 29.98
N ASP A 164 -13.84 -9.99 30.77
CA ASP A 164 -12.42 -10.33 30.81
C ASP A 164 -12.16 -11.59 29.99
N GLY A 165 -13.02 -11.85 29.02
CA GLY A 165 -12.86 -13.04 28.20
C GLY A 165 -11.84 -12.86 27.10
N VAL A 166 -11.39 -13.98 26.55
CA VAL A 166 -10.41 -13.95 25.47
C VAL A 166 -10.98 -14.67 24.26
N PHE A 167 -10.68 -14.10 23.09
CA PHE A 167 -11.13 -14.65 21.83
C PHE A 167 -9.95 -14.90 20.92
N ILE A 168 -9.66 -16.17 20.67
CA ILE A 168 -8.56 -16.52 19.79
C ILE A 168 -9.14 -17.06 18.50
N SER A 169 -8.71 -16.49 17.39
CA SER A 169 -9.19 -16.92 16.10
C SER A 169 -8.02 -17.25 15.19
N VAL A 170 -8.31 -17.96 14.11
CA VAL A 170 -7.28 -18.36 13.16
C VAL A 170 -7.26 -17.45 11.95
N ALA A 171 -6.20 -17.59 11.17
CA ALA A 171 -6.00 -16.82 9.95
C ALA A 171 -4.86 -17.50 9.19
N LYS A 172 -4.53 -16.98 8.02
CA LYS A 172 -3.43 -17.54 7.25
C LYS A 172 -2.13 -17.05 7.86
N HIS A 173 -1.10 -17.90 7.82
CA HIS A 173 0.19 -17.52 8.34
C HIS A 173 0.55 -16.23 7.59
N PRO A 174 1.16 -15.25 8.29
CA PRO A 174 1.54 -13.96 7.68
C PRO A 174 2.74 -14.05 6.75
N LEU A 175 3.61 -15.03 6.97
CA LEU A 175 4.79 -15.19 6.14
C LEU A 175 4.36 -15.64 4.74
N LEU A 176 3.26 -16.37 4.67
CA LEU A 176 2.78 -16.85 3.38
C LEU A 176 1.79 -15.88 2.74
N GLU A 177 0.79 -15.47 3.52
CA GLU A 177 -0.25 -14.57 3.06
C GLU A 177 -0.56 -13.50 4.11
N HIS A 178 0.22 -12.42 4.13
CA HIS A 178 0.01 -11.37 5.11
C HIS A 178 -1.29 -10.56 4.97
N VAL A 179 -1.84 -10.46 3.76
CA VAL A 179 -3.07 -9.68 3.58
C VAL A 179 -4.18 -10.25 4.45
N SER A 180 -4.26 -11.57 4.52
CA SER A 180 -5.28 -12.23 5.34
C SER A 180 -5.16 -11.79 6.80
N MET A 181 -3.94 -11.75 7.30
CA MET A 181 -3.71 -11.37 8.69
C MET A 181 -4.07 -9.90 8.88
N GLN A 182 -3.72 -9.09 7.89
CA GLN A 182 -4.00 -7.66 7.95
C GLN A 182 -5.50 -7.41 8.09
N ASN A 183 -6.30 -8.07 7.25
CA ASN A 183 -7.75 -7.89 7.32
C ASN A 183 -8.30 -8.36 8.67
N ALA A 184 -8.07 -9.62 8.98
CA ALA A 184 -8.53 -10.21 10.25
C ALA A 184 -8.20 -9.30 11.44
N LEU A 185 -7.01 -8.70 11.42
CA LEU A 185 -6.62 -7.81 12.51
C LEU A 185 -7.47 -6.56 12.48
N LYS A 186 -7.74 -6.11 11.26
CA LYS A 186 -8.56 -4.92 11.04
C LYS A 186 -9.95 -5.18 11.63
N ASN A 187 -10.54 -6.33 11.31
CA ASN A 187 -11.86 -6.66 11.86
C ASN A 187 -11.85 -6.71 13.38
N MET A 188 -11.01 -7.57 13.97
CA MET A 188 -10.93 -7.69 15.43
C MET A 188 -10.79 -6.32 16.06
N GLY A 189 -9.99 -5.48 15.42
CA GLY A 189 -9.77 -4.13 15.91
C GLY A 189 -10.99 -3.25 16.01
N GLY A 190 -12.07 -3.62 15.31
CA GLY A 190 -13.29 -2.83 15.36
C GLY A 190 -14.18 -3.08 16.57
N VAL A 191 -13.86 -4.11 17.35
CA VAL A 191 -14.67 -4.41 18.51
C VAL A 191 -13.88 -4.73 19.77
N PHE A 192 -12.56 -4.91 19.61
CA PHE A 192 -11.73 -5.24 20.76
C PHE A 192 -10.68 -4.18 21.08
N SER A 193 -10.32 -4.14 22.36
CA SER A 193 -9.31 -3.22 22.85
C SER A 193 -7.95 -3.92 22.88
N VAL A 194 -7.96 -5.20 22.52
CA VAL A 194 -6.75 -6.02 22.47
C VAL A 194 -6.80 -6.90 21.21
N ALA A 195 -5.82 -6.74 20.32
CA ALA A 195 -5.77 -7.56 19.11
C ALA A 195 -4.31 -7.78 18.72
N MET A 196 -3.78 -8.96 19.03
CA MET A 196 -2.39 -9.27 18.71
C MET A 196 -2.15 -10.57 17.98
N PRO A 197 -1.49 -10.51 16.81
CA PRO A 197 -1.21 -11.70 16.01
C PRO A 197 -0.11 -12.57 16.59
N PHE A 198 -0.16 -13.87 16.28
CA PHE A 198 0.86 -14.78 16.77
C PHE A 198 0.88 -16.06 15.94
N VAL A 199 2.00 -16.77 15.99
CA VAL A 199 2.14 -18.01 15.26
C VAL A 199 2.91 -19.01 16.11
N ALA A 200 3.00 -20.24 15.62
CA ALA A 200 3.71 -21.30 16.32
C ALA A 200 5.20 -21.20 16.05
N PRO A 201 5.98 -20.80 17.07
CA PRO A 201 7.43 -20.70 16.85
C PRO A 201 8.02 -22.07 16.57
N LEU A 202 9.22 -22.05 15.99
CA LEU A 202 9.96 -23.25 15.66
C LEU A 202 9.07 -24.36 15.12
N ARG A 203 8.52 -24.10 13.94
CA ARG A 203 7.65 -25.01 13.22
C ARG A 203 7.93 -24.73 11.74
N ILE A 204 7.20 -25.35 10.84
CA ILE A 204 7.35 -25.11 9.42
C ILE A 204 6.18 -25.66 8.61
N LEU A 205 5.76 -26.87 8.97
CA LEU A 205 4.68 -27.58 8.30
C LEU A 205 3.27 -27.01 8.39
N SER A 206 2.97 -26.24 9.43
CA SER A 206 1.64 -25.66 9.56
C SER A 206 1.63 -24.34 8.78
N ASN A 207 0.50 -24.05 8.14
CA ASN A 207 0.33 -22.84 7.34
C ASN A 207 -0.81 -21.97 7.88
N LYS A 208 -0.94 -21.92 9.20
CA LYS A 208 -1.98 -21.12 9.84
C LYS A 208 -1.40 -19.96 10.64
N GLY A 209 -2.21 -18.91 10.81
CA GLY A 209 -1.82 -17.77 11.61
C GLY A 209 -2.91 -17.65 12.66
N TYR A 210 -2.70 -16.83 13.67
CA TYR A 210 -3.68 -16.66 14.73
C TYR A 210 -3.74 -15.23 15.27
N ILE A 211 -4.84 -14.92 15.96
CA ILE A 211 -5.06 -13.59 16.54
C ILE A 211 -5.57 -13.70 17.96
N TYR A 212 -4.93 -13.01 18.89
CA TYR A 212 -5.39 -13.02 20.27
C TYR A 212 -6.17 -11.72 20.45
N ALA A 213 -7.46 -11.83 20.70
CA ALA A 213 -8.32 -10.64 20.87
C ALA A 213 -9.07 -10.64 22.17
N SER A 214 -9.24 -9.45 22.75
CA SER A 214 -9.97 -9.31 23.99
C SER A 214 -10.38 -7.87 24.24
N PHE A 215 -10.99 -7.63 25.40
CA PHE A 215 -11.39 -6.28 25.76
C PHE A 215 -10.28 -5.64 26.60
N LYS A 216 -9.78 -6.41 27.57
CA LYS A 216 -8.75 -5.95 28.47
C LYS A 216 -7.59 -6.93 28.70
N THR A 217 -7.87 -8.22 28.71
CA THR A 217 -6.88 -9.27 28.94
C THR A 217 -5.71 -9.22 27.95
N HIS A 218 -4.50 -9.12 28.48
CA HIS A 218 -3.31 -9.05 27.63
C HIS A 218 -2.61 -10.40 27.66
N PRO A 219 -2.22 -10.93 26.50
CA PRO A 219 -1.55 -12.24 26.45
C PRO A 219 -0.15 -12.28 27.06
N LEU A 220 0.50 -11.13 27.13
CA LEU A 220 1.84 -11.05 27.71
C LEU A 220 1.75 -10.59 29.16
N LYS A 221 1.02 -9.50 29.39
CA LYS A 221 0.85 -8.93 30.73
C LYS A 221 0.16 -9.83 31.75
N ASP A 222 -0.85 -10.56 31.28
CA ASP A 222 -1.62 -11.43 32.15
C ASP A 222 -1.23 -12.89 32.04
N LEU A 223 0.02 -13.15 31.67
CA LEU A 223 0.52 -14.51 31.56
C LEU A 223 0.81 -14.94 32.98
N MET A 224 0.45 -16.18 33.31
CA MET A 224 0.68 -16.70 34.65
C MET A 224 1.62 -17.92 34.63
N THR A 225 2.90 -17.64 34.86
CA THR A 225 3.93 -18.67 34.85
C THR A 225 3.62 -19.89 35.73
N PRO A 226 2.99 -19.70 36.91
CA PRO A 226 2.68 -20.86 37.74
C PRO A 226 1.79 -21.87 37.03
N LYS A 227 0.95 -21.38 36.13
CA LYS A 227 0.05 -22.23 35.37
C LYS A 227 0.81 -22.92 34.23
N ILE A 228 1.76 -22.19 33.64
CA ILE A 228 2.54 -22.77 32.56
C ILE A 228 3.34 -23.95 33.09
N GLU A 229 3.99 -23.71 34.22
CA GLU A 229 4.83 -24.71 34.88
C GLU A 229 4.05 -25.89 35.46
N ALA A 230 2.73 -25.75 35.57
CA ALA A 230 1.89 -26.83 36.10
C ALA A 230 1.63 -27.86 35.01
N LEU A 231 1.91 -27.48 33.77
CA LEU A 231 1.71 -28.36 32.62
C LEU A 231 2.89 -29.31 32.40
N THR A 232 2.96 -30.35 33.23
CA THR A 232 4.04 -31.34 33.15
C THR A 232 3.98 -32.28 31.96
N SER A 233 2.77 -32.67 31.55
CA SER A 233 2.60 -33.61 30.42
C SER A 233 2.68 -33.07 28.99
N VAL A 234 2.66 -31.74 28.81
CA VAL A 234 2.77 -31.17 27.45
C VAL A 234 4.20 -31.33 26.94
N ARG A 235 4.38 -31.25 25.63
CA ARG A 235 5.69 -31.44 25.03
C ARG A 235 6.24 -30.25 24.25
N TYR A 236 5.44 -29.21 24.08
CA TYR A 236 5.87 -28.07 23.27
C TYR A 236 5.69 -26.70 23.93
N TYR A 237 4.49 -26.45 24.43
CA TYR A 237 4.17 -25.19 25.06
C TYR A 237 4.96 -24.98 26.34
N ASN A 238 5.39 -23.74 26.53
CA ASN A 238 6.14 -23.33 27.72
C ASN A 238 6.18 -21.80 27.66
N GLU A 239 6.78 -21.14 28.63
CA GLU A 239 6.80 -19.68 28.62
C GLU A 239 7.54 -18.99 27.46
N ASP A 240 8.65 -19.57 27.01
CA ASP A 240 9.40 -18.96 25.91
C ASP A 240 8.63 -18.98 24.60
N ILE A 241 7.95 -20.09 24.31
CA ILE A 241 7.15 -20.24 23.10
C ILE A 241 5.98 -19.25 23.07
N HIS A 242 5.23 -19.21 24.17
CA HIS A 242 4.07 -18.31 24.32
C HIS A 242 4.45 -16.89 23.90
N ARG A 243 5.48 -16.32 24.55
CA ARG A 243 5.94 -14.97 24.24
C ARG A 243 6.49 -14.82 22.83
N ALA A 244 7.37 -15.73 22.43
CA ALA A 244 7.96 -15.69 21.11
C ALA A 244 6.89 -15.75 20.04
N ALA A 245 5.80 -16.45 20.34
CA ALA A 245 4.69 -16.60 19.40
C ALA A 245 4.29 -15.26 18.79
N PHE A 246 4.37 -14.21 19.60
CA PHE A 246 4.00 -12.87 19.18
C PHE A 246 5.03 -12.04 18.43
N ALA A 247 6.26 -12.55 18.28
CA ALA A 247 7.28 -11.77 17.58
C ALA A 247 7.08 -11.73 16.08
N LEU A 248 7.13 -10.52 15.54
CA LEU A 248 7.01 -10.31 14.11
C LEU A 248 8.29 -9.66 13.60
N PRO A 249 8.67 -9.97 12.35
CA PRO A 249 9.89 -9.32 11.86
C PRO A 249 9.54 -7.86 11.54
N LYS A 250 10.56 -7.04 11.29
CA LYS A 250 10.39 -5.62 11.01
C LYS A 250 9.39 -5.29 9.90
N ASN A 251 9.53 -5.94 8.75
CA ASN A 251 8.65 -5.71 7.61
C ASN A 251 7.16 -5.93 7.90
N LEU A 252 6.85 -7.03 8.57
CA LEU A 252 5.48 -7.37 8.93
C LEU A 252 4.90 -6.40 9.94
N GLN A 253 5.72 -5.95 10.89
CA GLN A 253 5.26 -4.99 11.89
C GLN A 253 4.81 -3.68 11.23
N GLU A 254 5.51 -3.24 10.18
CA GLU A 254 5.14 -2.00 9.49
C GLU A 254 3.76 -2.10 8.82
N VAL A 255 3.51 -3.20 8.12
CA VAL A 255 2.22 -3.40 7.44
C VAL A 255 1.03 -3.60 8.38
N PHE A 256 1.30 -4.17 9.56
CA PHE A 256 0.28 -4.45 10.57
C PHE A 256 0.17 -3.37 11.65
N LYS A 257 1.12 -2.42 11.63
CA LYS A 257 1.16 -1.36 12.64
C LYS A 257 -0.19 -0.93 13.20
N ASP A 258 -0.82 0.02 12.52
CA ASP A 258 -2.10 0.57 12.92
C ASP A 258 -3.16 -0.46 13.38
N ASN A 259 -3.10 -1.66 12.81
CA ASN A 259 -4.06 -2.70 13.17
C ASN A 259 -3.63 -3.61 14.30
N ILE A 260 -2.49 -3.32 14.93
CA ILE A 260 -2.03 -4.15 16.03
C ILE A 260 -2.34 -3.45 17.34
N LYS A 261 -3.27 -3.99 18.10
CA LYS A 261 -3.62 -3.38 19.39
C LYS A 261 -3.08 -4.19 20.55
N SER A 262 -2.09 -3.61 21.22
CA SER A 262 -1.46 -4.26 22.36
C SER A 262 -1.23 -3.30 23.51
N MET B 1 5.15 20.20 18.63
CA MET B 1 6.22 21.06 18.08
C MET B 1 6.19 20.87 16.57
N TRP B 2 6.38 21.96 15.83
CA TRP B 2 6.34 21.88 14.38
C TRP B 2 7.49 22.62 13.68
N ILE B 3 7.70 22.26 12.42
CA ILE B 3 8.69 22.90 11.57
C ILE B 3 7.90 23.10 10.29
N THR B 4 8.42 23.88 9.37
CA THR B 4 7.72 24.11 8.11
C THR B 4 8.61 23.85 6.90
N GLN B 5 7.98 23.75 5.75
CA GLN B 5 8.69 23.52 4.49
C GLN B 5 8.01 24.35 3.41
N GLU B 6 8.74 25.28 2.81
CA GLU B 6 8.15 26.10 1.76
C GLU B 6 8.23 25.51 0.36
N ILE B 7 7.19 24.77 -0.02
CA ILE B 7 7.12 24.18 -1.34
C ILE B 7 6.80 25.30 -2.34
N THR B 8 6.07 26.31 -1.88
CA THR B 8 5.75 27.45 -2.71
C THR B 8 5.50 28.71 -1.86
N PRO B 9 5.69 29.90 -2.47
CA PRO B 9 5.48 31.18 -1.77
C PRO B 9 4.07 31.32 -1.20
N TYR B 10 3.17 30.45 -1.64
CA TYR B 10 1.77 30.47 -1.22
C TYR B 10 1.35 29.10 -0.67
N LEU B 11 2.31 28.19 -0.57
CA LEU B 11 2.05 26.84 -0.09
C LEU B 11 3.14 26.31 0.83
N ARG B 12 2.72 25.83 1.99
CA ARG B 12 3.64 25.31 3.00
C ARG B 12 3.23 23.95 3.53
N LYS B 13 4.21 23.20 4.03
CA LYS B 13 3.95 21.89 4.61
C LYS B 13 4.36 21.98 6.08
N GLU B 14 3.59 21.39 6.97
CA GLU B 14 3.96 21.47 8.38
C GLU B 14 4.02 20.10 9.05
N TYR B 15 5.22 19.76 9.50
CA TYR B 15 5.50 18.50 10.15
C TYR B 15 5.60 18.61 11.66
N THR B 16 4.82 17.79 12.34
CA THR B 16 4.87 17.75 13.79
C THR B 16 6.19 17.03 14.07
N ILE B 17 6.98 17.58 14.98
CA ILE B 17 8.28 17.03 15.37
C ILE B 17 8.30 16.74 16.88
N GLU B 18 9.01 15.70 17.28
CA GLU B 18 9.08 15.35 18.71
C GLU B 18 10.32 15.93 19.37
N ALA B 19 11.38 16.12 18.59
CA ALA B 19 12.61 16.62 19.14
C ALA B 19 13.57 17.09 18.07
N LYS B 20 14.54 17.89 18.49
CA LYS B 20 15.58 18.39 17.60
C LYS B 20 16.80 17.58 18.01
N LEU B 21 17.39 16.87 17.06
CA LEU B 21 18.55 16.03 17.34
C LEU B 21 19.89 16.65 17.03
N LEU B 22 19.92 17.60 16.09
CA LEU B 22 21.19 18.22 15.72
C LEU B 22 21.01 19.61 15.14
N ASP B 23 22.02 20.44 15.35
CA ASP B 23 22.03 21.82 14.84
C ASP B 23 23.48 22.16 14.49
N VAL B 24 23.87 21.85 13.25
CA VAL B 24 25.23 22.12 12.78
C VAL B 24 25.21 23.35 11.87
N ARG B 25 26.33 24.05 11.76
CA ARG B 25 26.36 25.26 10.95
C ARG B 25 27.77 25.57 10.45
N SER B 26 27.88 25.80 9.15
CA SER B 26 29.15 26.12 8.54
C SER B 26 29.09 27.52 7.92
N GLU B 27 30.12 27.85 7.15
CA GLU B 27 30.19 29.16 6.50
C GLU B 27 29.24 29.26 5.31
N HIS B 28 28.85 28.10 4.79
CA HIS B 28 27.98 28.06 3.63
C HIS B 28 26.71 27.23 3.77
N ASN B 29 26.60 26.42 4.82
CA ASN B 29 25.42 25.58 5.01
C ASN B 29 25.04 25.41 6.47
N ILE B 30 23.75 25.18 6.71
CA ILE B 30 23.24 24.94 8.05
C ILE B 30 22.38 23.67 7.98
N LEU B 31 22.58 22.76 8.92
CA LEU B 31 21.85 21.50 8.91
C LEU B 31 21.22 21.18 10.25
N GLU B 32 19.92 20.88 10.24
CA GLU B 32 19.21 20.53 11.46
C GLU B 32 18.53 19.20 11.27
N ILE B 33 18.59 18.35 12.28
CA ILE B 33 17.95 17.04 12.17
C ILE B 33 16.91 16.87 13.28
N PHE B 34 15.71 16.49 12.89
CA PHE B 34 14.61 16.32 13.82
C PHE B 34 14.10 14.87 13.89
N LYS B 35 13.40 14.56 14.97
CA LYS B 35 12.81 13.23 15.14
C LYS B 35 11.31 13.35 14.91
N SER B 36 10.79 12.59 13.95
CA SER B 36 9.36 12.60 13.67
C SER B 36 8.84 11.21 14.05
N LYS B 37 7.63 11.14 14.59
CA LYS B 37 7.06 9.86 14.97
C LYS B 37 6.64 9.02 13.76
N ASP B 38 6.76 9.57 12.55
CA ASP B 38 6.33 8.82 11.38
C ASP B 38 7.35 8.67 10.25
N PHE B 39 8.01 9.76 9.91
CA PHE B 39 8.98 9.76 8.82
C PHE B 39 10.38 9.49 9.34
N GLY B 40 10.45 8.97 10.55
CA GLY B 40 11.73 8.68 11.16
C GLY B 40 12.36 10.02 11.45
N GLU B 41 13.65 10.17 11.19
CA GLU B 41 14.29 11.45 11.42
C GLU B 41 14.16 12.25 10.14
N ILE B 42 14.00 13.55 10.29
CA ILE B 42 13.89 14.44 9.14
C ILE B 42 15.07 15.36 9.24
N ALA B 43 15.76 15.57 8.12
CA ALA B 43 16.90 16.47 8.09
C ALA B 43 16.48 17.71 7.29
N MET B 44 16.78 18.88 7.82
CA MET B 44 16.46 20.12 7.13
C MET B 44 17.78 20.76 6.73
N LEU B 45 18.09 20.63 5.45
CA LEU B 45 19.32 21.17 4.88
C LEU B 45 18.95 22.37 4.02
N ASN B 46 19.39 23.55 4.43
CA ASN B 46 19.07 24.78 3.68
C ASN B 46 17.62 24.70 3.21
N ARG B 47 16.71 24.55 4.17
CA ARG B 47 15.29 24.44 3.88
C ARG B 47 14.92 23.47 2.76
N GLN B 48 15.57 22.31 2.77
CA GLN B 48 15.27 21.25 1.81
C GLN B 48 15.18 20.07 2.77
N LEU B 49 14.07 19.33 2.73
CA LEU B 49 13.89 18.21 3.65
C LEU B 49 14.30 16.85 3.12
N LEU B 50 14.92 16.06 3.99
CA LEU B 50 15.37 14.71 3.67
C LEU B 50 14.74 13.81 4.72
N PHE B 51 14.20 12.68 4.30
CA PHE B 51 13.55 11.74 5.22
C PHE B 51 14.42 10.50 5.36
N LYS B 52 14.84 10.20 6.58
CA LYS B 52 15.70 9.06 6.81
C LYS B 52 15.08 7.76 6.34
N ASN B 53 13.88 7.43 6.82
CA ASN B 53 13.22 6.16 6.42
C ASN B 53 12.90 6.04 4.92
N PHE B 54 13.10 7.11 4.14
CA PHE B 54 12.77 7.04 2.71
C PHE B 54 13.90 7.49 1.78
N LEU B 55 15.11 7.54 2.31
CA LEU B 55 16.27 7.96 1.55
C LEU B 55 16.51 7.05 0.35
N HIS B 56 16.17 5.77 0.52
CA HIS B 56 16.36 4.78 -0.51
C HIS B 56 15.62 5.07 -1.84
N ILE B 57 14.47 5.72 -1.77
CA ILE B 57 13.72 6.02 -2.98
C ILE B 57 14.52 6.78 -4.04
N GLU B 58 14.93 8.00 -3.69
CA GLU B 58 15.71 8.82 -4.61
C GLU B 58 17.09 8.22 -4.92
N SER B 59 17.76 7.65 -3.93
CA SER B 59 19.09 7.09 -4.20
C SER B 59 19.03 5.91 -5.19
N GLU B 60 18.14 4.97 -4.95
CA GLU B 60 17.99 3.82 -5.85
C GLU B 60 17.54 4.25 -7.24
N LEU B 61 16.58 5.17 -7.30
CA LEU B 61 16.06 5.63 -8.58
C LEU B 61 17.14 6.26 -9.46
N LEU B 62 17.88 7.20 -8.88
CA LEU B 62 18.93 7.89 -9.62
C LEU B 62 20.10 7.01 -9.99
N ALA B 63 20.57 6.21 -9.04
CA ALA B 63 21.71 5.34 -9.28
C ALA B 63 21.41 4.29 -10.34
N HIS B 64 20.32 3.56 -10.15
CA HIS B 64 19.96 2.48 -11.05
C HIS B 64 19.36 2.88 -12.38
N MET B 65 18.83 4.08 -12.48
CA MET B 65 18.32 4.49 -13.78
C MET B 65 19.59 4.58 -14.64
N GLY B 66 20.70 4.98 -14.02
CA GLY B 66 21.97 5.07 -14.71
C GLY B 66 22.57 3.69 -14.95
N GLY B 67 22.73 2.93 -13.86
CA GLY B 67 23.30 1.60 -13.95
C GLY B 67 22.61 0.61 -14.87
N CYS B 68 21.29 0.68 -14.98
CA CYS B 68 20.58 -0.27 -15.83
C CYS B 68 20.40 0.23 -17.24
N THR B 69 20.98 1.40 -17.53
CA THR B 69 20.90 1.97 -18.85
C THR B 69 22.30 2.06 -19.49
N LYS B 70 23.32 1.62 -18.74
CA LYS B 70 24.69 1.62 -19.23
C LYS B 70 25.28 0.22 -19.21
N LYS B 71 26.17 -0.05 -20.16
CA LYS B 71 26.80 -1.35 -20.28
C LYS B 71 27.66 -1.67 -19.06
N GLU B 72 28.55 -0.72 -18.74
CA GLU B 72 29.49 -0.87 -17.63
C GLU B 72 29.70 0.46 -16.92
N LEU B 73 29.75 0.43 -15.58
CA LEU B 73 29.99 1.65 -14.81
C LEU B 73 31.42 1.61 -14.24
N LYS B 74 32.30 2.45 -14.75
CA LYS B 74 33.69 2.46 -14.25
C LYS B 74 34.08 3.73 -13.53
N GLU B 75 33.62 4.87 -14.03
CA GLU B 75 33.94 6.15 -13.42
C GLU B 75 32.66 7.00 -13.32
N VAL B 76 32.30 7.38 -12.10
CA VAL B 76 31.10 8.20 -11.90
C VAL B 76 31.44 9.47 -11.14
N LEU B 77 30.74 10.55 -11.45
CA LEU B 77 30.99 11.80 -10.77
C LEU B 77 29.72 12.32 -10.13
N ILE B 78 29.88 12.79 -8.90
CA ILE B 78 28.77 13.33 -8.12
C ILE B 78 29.22 14.73 -7.75
N VAL B 79 28.35 15.71 -7.90
CA VAL B 79 28.71 17.09 -7.56
C VAL B 79 27.54 17.87 -6.98
N ASP B 80 27.88 18.95 -6.29
CA ASP B 80 26.90 19.85 -5.70
C ASP B 80 25.93 19.30 -4.68
N GLY B 81 26.33 18.27 -3.93
CA GLY B 81 25.42 17.71 -2.94
C GLY B 81 26.05 16.93 -1.82
N PHE B 82 25.22 16.33 -0.97
CA PHE B 82 25.65 15.56 0.20
C PHE B 82 25.09 14.15 0.21
N ASP B 83 24.50 13.74 -0.92
CA ASP B 83 23.88 12.43 -0.99
C ASP B 83 24.82 11.22 -1.08
N LEU B 84 25.19 10.70 0.09
CA LEU B 84 26.06 9.53 0.16
C LEU B 84 25.25 8.25 -0.15
N GLU B 85 23.93 8.31 0.04
CA GLU B 85 23.09 7.14 -0.23
C GLU B 85 23.03 6.82 -1.71
N LEU B 86 23.28 7.83 -2.55
CA LEU B 86 23.31 7.66 -4.00
C LEU B 86 24.57 6.87 -4.37
N ALA B 87 25.69 7.24 -3.74
CA ALA B 87 26.95 6.55 -3.98
C ALA B 87 26.83 5.12 -3.47
N HIS B 88 26.19 4.95 -2.32
CA HIS B 88 26.00 3.62 -1.74
C HIS B 88 25.30 2.71 -2.75
N GLN B 89 24.26 3.22 -3.39
CA GLN B 89 23.53 2.43 -4.37
C GLN B 89 24.39 2.17 -5.60
N LEU B 90 25.20 3.16 -5.97
CA LEU B 90 26.08 3.03 -7.12
C LEU B 90 27.17 1.99 -6.85
N PHE B 91 27.49 1.77 -5.58
CA PHE B 91 28.50 0.77 -5.27
C PHE B 91 28.04 -0.65 -5.40
N LYS B 92 26.82 -0.82 -5.89
CA LYS B 92 26.31 -2.14 -6.18
C LYS B 92 27.07 -2.58 -7.44
N TYR B 93 27.52 -1.58 -8.21
CA TYR B 93 28.31 -1.79 -9.42
C TYR B 93 29.77 -1.67 -9.01
N ASP B 94 30.65 -2.35 -9.73
CA ASP B 94 32.06 -2.26 -9.39
C ASP B 94 32.66 -1.02 -10.03
N THR B 95 32.15 0.15 -9.65
CA THR B 95 32.63 1.38 -10.22
C THR B 95 33.33 2.27 -9.22
N HIS B 96 34.10 3.24 -9.73
CA HIS B 96 34.77 4.20 -8.86
C HIS B 96 33.82 5.40 -8.78
N ILE B 97 33.81 6.10 -7.66
CA ILE B 97 32.95 7.26 -7.53
C ILE B 97 33.76 8.47 -7.03
N ASP B 98 33.73 9.57 -7.78
CA ASP B 98 34.42 10.79 -7.35
C ASP B 98 33.32 11.65 -6.72
N PHE B 99 33.51 12.05 -5.46
CA PHE B 99 32.50 12.83 -4.76
C PHE B 99 33.06 14.19 -4.35
N VAL B 100 32.57 15.25 -4.98
CA VAL B 100 33.05 16.61 -4.71
C VAL B 100 32.08 17.39 -3.83
N GLN B 101 32.57 17.89 -2.70
CA GLN B 101 31.78 18.68 -1.76
C GLN B 101 32.72 19.41 -0.80
N ALA B 102 32.88 20.72 -1.00
CA ALA B 102 33.78 21.52 -0.17
C ALA B 102 33.42 21.57 1.30
N ASP B 103 32.15 21.38 1.63
CA ASP B 103 31.71 21.47 3.02
C ASP B 103 31.82 20.15 3.83
N GLU B 104 33.05 19.82 4.21
CA GLU B 104 33.31 18.60 4.98
C GLU B 104 32.51 18.56 6.26
N LYS B 105 32.51 19.67 6.99
CA LYS B 105 31.81 19.76 8.26
C LYS B 105 30.35 19.31 8.19
N ILE B 106 29.63 19.80 7.19
CA ILE B 106 28.22 19.43 7.05
C ILE B 106 28.09 17.99 6.61
N LEU B 107 28.89 17.60 5.63
CA LEU B 107 28.89 16.24 5.09
C LEU B 107 29.04 15.19 6.20
N ASP B 108 30.09 15.32 7.01
CA ASP B 108 30.35 14.40 8.11
C ASP B 108 29.23 14.52 9.13
N SER B 109 28.50 15.64 9.10
CA SER B 109 27.41 15.80 10.04
C SER B 109 26.32 14.74 9.82
N PHE B 110 26.36 14.09 8.65
CA PHE B 110 25.39 13.03 8.29
C PHE B 110 25.76 11.63 8.82
N ILE B 111 26.79 11.56 9.67
CA ILE B 111 27.28 10.29 10.22
C ILE B 111 26.20 9.33 10.74
N SER B 112 25.14 9.86 11.34
CA SER B 112 24.08 9.02 11.86
C SER B 112 22.85 9.03 10.95
N PHE B 113 22.62 10.15 10.27
CA PHE B 113 21.46 10.26 9.39
C PHE B 113 21.47 9.26 8.23
N PHE B 114 22.64 9.05 7.63
CA PHE B 114 22.75 8.10 6.52
C PHE B 114 23.08 6.72 7.05
N PRO B 115 22.14 5.76 6.89
CA PRO B 115 22.36 4.39 7.35
C PRO B 115 23.60 3.71 6.78
N HIS B 116 24.06 4.14 5.62
CA HIS B 116 25.25 3.50 5.06
C HIS B 116 26.43 4.43 5.02
N PHE B 117 26.41 5.43 5.91
CA PHE B 117 27.48 6.44 5.98
C PHE B 117 28.90 5.85 5.87
N HIS B 118 29.32 5.11 6.90
CA HIS B 118 30.65 4.54 6.93
C HIS B 118 31.03 3.60 5.83
N GLU B 119 30.08 2.81 5.37
CA GLU B 119 30.35 1.89 4.28
C GLU B 119 30.71 2.65 3.01
N VAL B 120 30.01 3.75 2.75
CA VAL B 120 30.32 4.52 1.56
C VAL B 120 31.68 5.23 1.69
N LYS B 121 31.92 5.91 2.80
CA LYS B 121 33.17 6.63 2.98
C LYS B 121 34.44 5.78 3.08
N ASN B 122 34.30 4.53 3.51
CA ASN B 122 35.45 3.64 3.65
C ASN B 122 35.75 2.83 2.38
N ASN B 123 34.93 3.01 1.35
CA ASN B 123 35.13 2.30 0.09
C ASN B 123 36.45 2.75 -0.58
N LYS B 124 37.28 1.78 -0.92
CA LYS B 124 38.54 2.10 -1.58
C LYS B 124 38.28 2.91 -2.84
N ASN B 125 37.15 2.66 -3.48
CA ASN B 125 36.81 3.33 -4.72
C ASN B 125 35.96 4.58 -4.60
N PHE B 126 35.89 5.14 -3.40
CA PHE B 126 35.14 6.36 -3.18
C PHE B 126 36.14 7.47 -2.90
N THR B 127 36.13 8.52 -3.72
CA THR B 127 37.06 9.62 -3.51
C THR B 127 36.31 10.91 -3.15
N HIS B 128 36.50 11.41 -1.92
CA HIS B 128 35.88 12.66 -1.52
C HIS B 128 36.86 13.81 -1.79
N ALA B 129 36.44 14.75 -2.64
CA ALA B 129 37.29 15.90 -2.94
C ALA B 129 36.62 17.18 -2.51
N LYS B 130 37.40 18.18 -2.16
CA LYS B 130 36.87 19.48 -1.76
C LYS B 130 36.38 20.19 -3.01
N GLN B 131 37.11 19.99 -4.11
CA GLN B 131 36.77 20.61 -5.38
C GLN B 131 37.20 19.77 -6.60
N LEU B 132 36.62 20.09 -7.75
CA LEU B 132 36.92 19.37 -9.00
C LEU B 132 38.38 19.41 -9.40
N LEU B 133 39.07 20.49 -9.01
CA LEU B 133 40.49 20.66 -9.34
C LEU B 133 41.45 19.71 -8.62
N ASP B 134 41.06 19.24 -7.44
CA ASP B 134 41.89 18.30 -6.69
C ASP B 134 41.79 16.89 -7.28
N LEU B 135 40.89 16.69 -8.23
CA LEU B 135 40.70 15.39 -8.86
C LEU B 135 41.65 15.11 -10.02
N ASP B 136 41.79 13.83 -10.35
CA ASP B 136 42.62 13.42 -11.48
C ASP B 136 41.86 13.77 -12.75
N ILE B 137 42.56 14.05 -13.83
CA ILE B 137 41.88 14.38 -15.08
C ILE B 137 41.42 13.09 -15.73
N LYS B 138 40.16 13.06 -16.15
CA LYS B 138 39.58 11.87 -16.77
C LYS B 138 38.13 12.10 -17.18
N LYS B 139 37.57 11.12 -17.88
CA LYS B 139 36.19 11.15 -18.34
C LYS B 139 35.31 10.26 -17.47
N TYR B 140 34.01 10.53 -17.43
CA TYR B 140 33.10 9.74 -16.62
C TYR B 140 32.04 9.03 -17.44
N ASP B 141 31.61 7.87 -16.96
CA ASP B 141 30.56 7.09 -17.64
C ASP B 141 29.22 7.73 -17.29
N LEU B 142 29.17 8.31 -16.10
CA LEU B 142 27.93 8.90 -15.61
C LEU B 142 28.24 10.02 -14.64
N ILE B 143 27.55 11.15 -14.78
CA ILE B 143 27.75 12.29 -13.90
C ILE B 143 26.42 12.69 -13.24
N PHE B 144 26.47 13.00 -11.95
CA PHE B 144 25.28 13.38 -11.19
C PHE B 144 25.44 14.77 -10.61
N CYS B 145 24.47 15.63 -10.89
CA CYS B 145 24.47 16.99 -10.36
C CYS B 145 23.29 17.02 -9.41
N LEU B 146 23.57 17.24 -8.13
CA LEU B 146 22.54 17.24 -7.10
C LEU B 146 21.85 18.56 -6.86
N GLN B 147 22.08 19.50 -7.76
CA GLN B 147 21.46 20.84 -7.67
C GLN B 147 21.18 21.24 -9.11
N GLU B 148 20.18 22.09 -9.31
CA GLU B 148 19.90 22.50 -10.67
C GLU B 148 21.09 23.31 -11.15
N PRO B 149 21.73 22.86 -12.23
CA PRO B 149 22.89 23.56 -12.78
C PRO B 149 22.43 24.61 -13.77
N ASP B 150 23.19 25.70 -13.86
CA ASP B 150 22.88 26.74 -14.82
C ASP B 150 23.57 26.28 -16.09
N ILE B 151 23.35 26.98 -17.21
CA ILE B 151 23.93 26.57 -18.48
C ILE B 151 25.45 26.57 -18.52
N HIS B 152 26.07 27.25 -17.55
CA HIS B 152 27.51 27.33 -17.47
C HIS B 152 28.09 26.11 -16.79
N ARG B 153 27.40 25.63 -15.77
CA ARG B 153 27.87 24.46 -15.05
C ARG B 153 27.72 23.26 -15.98
N ILE B 154 26.60 23.22 -16.71
CA ILE B 154 26.32 22.16 -17.67
C ILE B 154 27.47 22.05 -18.68
N ASP B 155 27.79 23.19 -19.29
CA ASP B 155 28.87 23.27 -20.26
C ASP B 155 30.14 22.66 -19.66
N GLY B 156 30.44 23.03 -18.42
CA GLY B 156 31.63 22.51 -17.76
C GLY B 156 31.63 21.00 -17.53
N LEU B 157 30.60 20.46 -16.91
CA LEU B 157 30.54 19.02 -16.65
C LEU B 157 30.43 18.24 -17.95
N LYS B 158 29.64 18.79 -18.87
CA LYS B 158 29.43 18.17 -20.17
C LYS B 158 30.70 17.59 -20.77
N ARG B 159 31.80 18.34 -20.69
CA ARG B 159 33.07 17.92 -21.28
C ARG B 159 33.86 16.88 -20.52
N MET B 160 33.40 16.52 -19.32
CA MET B 160 34.08 15.52 -18.53
C MET B 160 33.36 14.18 -18.77
N LEU B 161 32.60 14.12 -19.85
CA LEU B 161 31.82 12.92 -20.22
C LEU B 161 32.35 12.05 -21.34
N LYS B 162 32.22 10.75 -21.17
CA LYS B 162 32.62 9.78 -22.19
C LYS B 162 31.57 9.93 -23.29
N GLU B 163 31.93 9.57 -24.51
CA GLU B 163 30.99 9.71 -25.63
C GLU B 163 29.64 9.05 -25.46
N ASP B 164 29.60 7.98 -24.67
CA ASP B 164 28.36 7.24 -24.42
C ASP B 164 27.90 7.42 -22.98
N GLY B 165 28.40 8.47 -22.32
CA GLY B 165 28.03 8.73 -20.93
C GLY B 165 26.64 9.32 -20.73
N VAL B 166 26.23 9.41 -19.47
CA VAL B 166 24.91 9.93 -19.10
C VAL B 166 25.00 11.00 -18.01
N PHE B 167 24.29 12.10 -18.21
CA PHE B 167 24.26 13.20 -17.26
C PHE B 167 22.88 13.30 -16.63
N ILE B 168 22.79 13.01 -15.33
CA ILE B 168 21.53 13.09 -14.62
C ILE B 168 21.56 14.25 -13.64
N SER B 169 20.55 15.10 -13.68
CA SER B 169 20.50 16.25 -12.80
C SER B 169 19.12 16.56 -12.26
N VAL B 170 19.06 17.41 -11.23
CA VAL B 170 17.80 17.81 -10.63
C VAL B 170 17.24 19.07 -11.27
N ALA B 171 15.93 19.22 -11.16
CA ALA B 171 15.22 20.37 -11.69
C ALA B 171 13.92 20.47 -10.90
N LYS B 172 13.08 21.45 -11.25
CA LYS B 172 11.83 21.63 -10.56
C LYS B 172 10.76 20.66 -11.07
N HIS B 173 9.75 20.43 -10.24
CA HIS B 173 8.66 19.55 -10.62
C HIS B 173 7.93 20.24 -11.79
N PRO B 174 7.65 19.49 -12.87
CA PRO B 174 6.97 19.99 -14.06
C PRO B 174 5.47 20.25 -13.94
N LEU B 175 4.85 19.81 -12.86
CA LEU B 175 3.41 20.04 -12.70
C LEU B 175 3.18 21.46 -12.17
N LEU B 176 3.89 21.78 -11.09
CA LEU B 176 3.76 23.08 -10.45
C LEU B 176 4.72 24.13 -11.02
N GLU B 177 5.82 23.67 -11.61
CA GLU B 177 6.82 24.60 -12.15
C GLU B 177 7.26 24.31 -13.59
N HIS B 178 6.31 24.07 -14.48
CA HIS B 178 6.61 23.75 -15.87
C HIS B 178 7.54 24.73 -16.59
N VAL B 179 7.40 26.03 -16.32
CA VAL B 179 8.25 27.03 -16.95
C VAL B 179 9.69 26.76 -16.57
N SER B 180 9.92 26.49 -15.30
CA SER B 180 11.27 26.22 -14.84
C SER B 180 11.83 24.99 -15.53
N MET B 181 11.05 23.91 -15.53
CA MET B 181 11.48 22.67 -16.16
C MET B 181 11.83 22.92 -17.63
N GLN B 182 10.96 23.67 -18.32
CA GLN B 182 11.15 24.00 -19.72
C GLN B 182 12.54 24.56 -19.97
N ASN B 183 12.91 25.55 -19.17
CA ASN B 183 14.20 26.21 -19.29
C ASN B 183 15.33 25.23 -18.98
N ALA B 184 15.10 24.36 -18.01
CA ALA B 184 16.09 23.36 -17.63
C ALA B 184 16.32 22.43 -18.81
N LEU B 185 15.27 22.17 -19.59
CA LEU B 185 15.39 21.31 -20.77
C LEU B 185 16.09 21.99 -21.94
N LYS B 186 15.78 23.26 -22.20
CA LYS B 186 16.41 23.95 -23.32
C LYS B 186 17.90 24.14 -23.06
N ASN B 187 18.27 24.30 -21.80
CA ASN B 187 19.67 24.47 -21.45
C ASN B 187 20.40 23.15 -21.72
N MET B 188 19.73 22.02 -21.49
CA MET B 188 20.32 20.71 -21.74
C MET B 188 20.29 20.41 -23.24
N GLY B 189 19.15 20.70 -23.86
CA GLY B 189 18.99 20.48 -25.28
C GLY B 189 20.08 21.18 -26.07
N GLY B 190 20.67 22.19 -25.45
CA GLY B 190 21.74 22.95 -26.09
C GLY B 190 22.98 22.14 -26.43
N VAL B 191 23.44 21.31 -25.52
CA VAL B 191 24.65 20.54 -25.79
C VAL B 191 24.48 19.01 -25.84
N PHE B 192 23.27 18.54 -25.54
CA PHE B 192 22.98 17.10 -25.52
C PHE B 192 21.97 16.64 -26.56
N SER B 193 22.20 15.46 -27.12
CA SER B 193 21.30 14.87 -28.12
C SER B 193 20.08 14.23 -27.44
N VAL B 194 20.24 13.85 -26.19
CA VAL B 194 19.13 13.26 -25.45
C VAL B 194 18.91 14.13 -24.22
N ALA B 195 17.65 14.45 -23.92
CA ALA B 195 17.32 15.26 -22.76
C ALA B 195 15.87 15.01 -22.41
N MET B 196 15.65 14.19 -21.40
CA MET B 196 14.28 13.86 -21.03
C MET B 196 14.01 14.06 -19.55
N PRO B 197 12.87 14.69 -19.24
CA PRO B 197 12.49 14.94 -17.84
C PRO B 197 11.79 13.74 -17.24
N PHE B 198 11.93 13.53 -15.94
CA PHE B 198 11.26 12.43 -15.26
C PHE B 198 11.12 12.79 -13.80
N VAL B 199 10.20 12.12 -13.12
CA VAL B 199 9.96 12.36 -11.70
C VAL B 199 10.10 11.06 -10.92
N ALA B 200 9.94 11.11 -9.61
CA ALA B 200 10.01 9.91 -8.79
C ALA B 200 8.61 9.50 -8.41
N PRO B 201 8.08 8.50 -9.13
CA PRO B 201 6.73 7.96 -8.91
C PRO B 201 6.40 7.61 -7.47
N LEU B 202 5.19 7.96 -7.05
CA LEU B 202 4.68 7.74 -5.69
C LEU B 202 5.31 8.64 -4.62
N ARG B 203 6.27 9.47 -5.04
CA ARG B 203 6.90 10.43 -4.13
C ARG B 203 6.11 11.75 -4.17
N ILE B 204 4.98 11.79 -3.48
CA ILE B 204 4.14 12.99 -3.45
C ILE B 204 4.63 14.08 -2.49
N LEU B 205 5.55 13.73 -1.60
CA LEU B 205 6.06 14.69 -0.62
C LEU B 205 7.23 15.56 -1.10
N SER B 206 7.49 15.60 -2.41
CA SER B 206 8.60 16.42 -2.89
C SER B 206 8.32 17.19 -4.20
N ASN B 207 8.72 18.47 -4.20
CA ASN B 207 8.56 19.36 -5.36
C ASN B 207 9.89 19.36 -6.06
N LYS B 208 10.24 18.22 -6.65
CA LYS B 208 11.51 18.07 -7.30
C LYS B 208 11.38 17.30 -8.62
N GLY B 209 12.18 17.68 -9.61
CA GLY B 209 12.15 17.01 -10.90
C GLY B 209 13.56 16.66 -11.30
N TYR B 210 13.72 15.84 -12.34
CA TYR B 210 15.03 15.45 -12.81
C TYR B 210 15.11 15.33 -14.32
N ILE B 211 16.35 15.38 -14.83
CA ILE B 211 16.60 15.25 -16.24
C ILE B 211 17.66 14.21 -16.51
N TYR B 212 17.37 13.38 -17.51
CA TYR B 212 18.28 12.35 -17.98
C TYR B 212 18.76 12.90 -19.33
N ALA B 213 20.04 13.27 -19.39
CA ALA B 213 20.61 13.82 -20.62
C ALA B 213 21.84 13.02 -21.01
N SER B 214 22.13 13.00 -22.31
CA SER B 214 23.30 12.27 -22.81
C SER B 214 23.56 12.62 -24.26
N PHE B 215 24.55 11.96 -24.85
CA PHE B 215 24.91 12.19 -26.24
C PHE B 215 24.19 11.20 -27.17
N LYS B 216 23.79 10.06 -26.61
CA LYS B 216 23.09 9.06 -27.40
C LYS B 216 22.47 7.90 -26.63
N THR B 217 22.76 7.80 -25.34
CA THR B 217 22.19 6.74 -24.51
C THR B 217 20.73 7.08 -24.25
N HIS B 218 19.84 6.11 -24.45
CA HIS B 218 18.43 6.37 -24.24
C HIS B 218 17.87 5.74 -22.97
N PRO B 219 17.28 6.56 -22.09
CA PRO B 219 16.71 6.08 -20.82
C PRO B 219 15.68 4.95 -20.93
N LEU B 220 15.06 4.78 -22.10
CA LEU B 220 14.09 3.71 -22.25
C LEU B 220 14.53 2.63 -23.23
N LYS B 221 15.10 3.08 -24.35
CA LYS B 221 15.54 2.17 -25.40
C LYS B 221 16.81 1.41 -25.01
N ASP B 222 17.63 2.00 -24.16
CA ASP B 222 18.86 1.34 -23.72
C ASP B 222 18.69 0.63 -22.37
N LEU B 223 17.45 0.60 -21.87
CA LEU B 223 17.14 -0.05 -20.59
C LEU B 223 17.44 -1.55 -20.62
N MET B 224 18.22 -2.02 -19.67
CA MET B 224 18.56 -3.44 -19.58
C MET B 224 17.81 -4.12 -18.44
N THR B 225 16.69 -4.77 -18.76
CA THR B 225 15.88 -5.46 -17.77
C THR B 225 16.67 -6.48 -16.94
N PRO B 226 17.67 -7.16 -17.55
CA PRO B 226 18.44 -8.13 -16.76
C PRO B 226 19.11 -7.45 -15.57
N LYS B 227 19.64 -6.26 -15.82
CA LYS B 227 20.30 -5.50 -14.78
C LYS B 227 19.31 -5.08 -13.70
N ILE B 228 18.08 -4.80 -14.11
CA ILE B 228 17.04 -4.39 -13.18
C ILE B 228 16.65 -5.52 -12.24
N GLU B 229 16.49 -6.72 -12.80
CA GLU B 229 16.08 -7.88 -12.01
C GLU B 229 17.21 -8.43 -11.15
N ALA B 230 18.43 -8.05 -11.46
CA ALA B 230 19.58 -8.51 -10.65
C ALA B 230 19.58 -7.81 -9.30
N LEU B 231 18.92 -6.65 -9.26
CA LEU B 231 18.84 -5.84 -8.05
C LEU B 231 17.77 -6.34 -7.07
N THR B 232 18.05 -7.48 -6.46
CA THR B 232 17.14 -8.11 -5.51
C THR B 232 17.01 -7.44 -4.13
N SER B 233 17.99 -6.62 -3.73
CA SER B 233 17.91 -6.00 -2.40
C SER B 233 17.41 -4.56 -2.37
N VAL B 234 17.11 -3.99 -3.53
CA VAL B 234 16.57 -2.63 -3.59
C VAL B 234 15.10 -2.71 -3.14
N ARG B 235 14.59 -1.65 -2.54
CA ARG B 235 13.22 -1.67 -2.05
C ARG B 235 12.19 -0.86 -2.84
N TYR B 236 12.66 -0.10 -3.82
CA TYR B 236 11.77 0.75 -4.58
C TYR B 236 11.87 0.59 -6.09
N TYR B 237 13.08 0.76 -6.60
CA TYR B 237 13.35 0.72 -8.02
C TYR B 237 13.06 -0.62 -8.69
N ASN B 238 12.38 -0.53 -9.84
CA ASN B 238 12.02 -1.69 -10.67
C ASN B 238 11.75 -1.13 -12.06
N GLU B 239 11.49 -2.01 -13.03
CA GLU B 239 11.23 -1.53 -14.38
C GLU B 239 9.99 -0.63 -14.50
N ASP B 240 8.89 -1.05 -13.88
CA ASP B 240 7.65 -0.28 -13.93
C ASP B 240 7.82 1.16 -13.47
N ILE B 241 8.68 1.36 -12.48
CA ILE B 241 8.96 2.70 -11.92
C ILE B 241 9.89 3.50 -12.82
N HIS B 242 10.77 2.79 -13.51
CA HIS B 242 11.73 3.41 -14.40
C HIS B 242 11.01 4.04 -15.59
N ARG B 243 10.23 3.25 -16.30
CA ARG B 243 9.48 3.74 -17.46
C ARG B 243 8.44 4.77 -17.03
N ALA B 244 7.74 4.49 -15.94
CA ALA B 244 6.69 5.39 -15.45
C ALA B 244 7.21 6.79 -15.13
N ALA B 245 8.48 6.88 -14.76
CA ALA B 245 9.08 8.16 -14.41
C ALA B 245 9.12 9.17 -15.54
N PHE B 246 9.13 8.68 -16.78
CA PHE B 246 9.20 9.56 -17.93
C PHE B 246 7.85 9.98 -18.52
N ALA B 247 6.76 9.44 -17.98
CA ALA B 247 5.42 9.76 -18.45
C ALA B 247 5.04 11.22 -18.25
N LEU B 248 4.57 11.85 -19.32
CA LEU B 248 4.16 13.25 -19.26
C LEU B 248 2.74 13.50 -19.68
N PRO B 249 2.06 14.40 -18.94
CA PRO B 249 0.66 14.77 -19.26
C PRO B 249 0.64 15.26 -20.70
N LYS B 250 -0.49 15.07 -21.39
CA LYS B 250 -0.55 15.49 -22.78
C LYS B 250 -0.11 16.94 -23.02
N ASN B 251 -0.58 17.86 -22.20
CA ASN B 251 -0.19 19.26 -22.41
C ASN B 251 1.28 19.54 -22.13
N LEU B 252 1.90 18.78 -21.22
CA LEU B 252 3.30 19.02 -20.94
C LEU B 252 4.18 18.40 -22.03
N GLN B 253 3.73 17.30 -22.63
CA GLN B 253 4.46 16.64 -23.71
C GLN B 253 4.56 17.63 -24.87
N GLU B 254 3.48 18.38 -25.05
CA GLU B 254 3.40 19.38 -26.10
C GLU B 254 4.19 20.65 -25.84
N VAL B 255 4.12 21.18 -24.62
CA VAL B 255 4.84 22.40 -24.33
C VAL B 255 6.33 22.16 -24.28
N PHE B 256 6.70 20.93 -23.91
CA PHE B 256 8.09 20.49 -23.80
C PHE B 256 8.63 19.91 -25.12
N LYS B 257 7.76 19.66 -26.09
CA LYS B 257 8.17 19.03 -27.36
C LYS B 257 9.49 19.47 -27.97
N ASP B 258 9.72 20.78 -28.05
CA ASP B 258 10.91 21.36 -28.65
C ASP B 258 12.23 21.10 -27.94
N ASN B 259 12.19 21.13 -26.62
CA ASN B 259 13.39 20.96 -25.80
C ASN B 259 13.70 19.52 -25.44
N ILE B 260 12.69 18.66 -25.48
CA ILE B 260 12.86 17.24 -25.18
C ILE B 260 13.56 16.53 -26.34
N LYS B 261 14.54 15.70 -26.01
CA LYS B 261 15.26 14.98 -27.04
C LYS B 261 15.34 13.48 -26.77
N SER B 262 14.83 12.69 -27.72
CA SER B 262 14.85 11.25 -27.60
C SER B 262 15.76 10.67 -28.69
N MET C 1 -3.22 36.48 4.00
CA MET C 1 -4.18 35.50 4.58
C MET C 1 -3.82 34.09 4.13
N TRP C 2 -4.30 33.11 4.88
CA TRP C 2 -4.04 31.72 4.53
C TRP C 2 -5.07 30.81 5.15
N ILE C 3 -5.09 29.57 4.67
CA ILE C 3 -6.00 28.53 5.16
C ILE C 3 -5.15 27.27 5.36
N THR C 4 -5.70 26.28 6.06
CA THR C 4 -4.93 25.07 6.30
C THR C 4 -5.73 23.77 6.20
N GLN C 5 -5.07 22.74 5.71
CA GLN C 5 -5.69 21.43 5.58
C GLN C 5 -4.80 20.35 6.19
N GLU C 6 -5.40 19.44 6.95
CA GLU C 6 -4.63 18.37 7.56
C GLU C 6 -4.60 17.24 6.56
N ILE C 7 -3.44 16.92 6.02
CA ILE C 7 -3.38 15.81 5.08
C ILE C 7 -2.98 14.58 5.87
N THR C 8 -2.46 14.82 7.08
CA THR C 8 -2.04 13.76 8.01
C THR C 8 -2.08 14.29 9.45
N PRO C 9 -2.23 13.39 10.44
CA PRO C 9 -2.27 13.85 11.83
C PRO C 9 -0.97 14.56 12.22
N TYR C 10 0.07 14.30 11.43
CA TYR C 10 1.39 14.88 11.65
C TYR C 10 1.82 15.76 10.48
N LEU C 11 0.91 16.01 9.53
CA LEU C 11 1.24 16.85 8.38
C LEU C 11 0.07 17.70 7.89
N ARG C 12 0.31 19.01 7.81
CA ARG C 12 -0.71 19.95 7.34
C ARG C 12 -0.14 20.73 6.15
N LYS C 13 -1.03 21.43 5.47
CA LYS C 13 -0.64 22.25 4.34
C LYS C 13 -1.20 23.63 4.61
N GLU C 14 -0.41 24.65 4.30
CA GLU C 14 -0.85 26.03 4.47
C GLU C 14 -0.88 26.63 3.07
N TYR C 15 -2.04 27.18 2.71
CA TYR C 15 -2.28 27.80 1.41
C TYR C 15 -2.52 29.30 1.55
N THR C 16 -1.73 30.12 0.84
CA THR C 16 -1.96 31.55 0.90
C THR C 16 -3.09 31.83 -0.11
N ILE C 17 -4.15 32.49 0.38
CA ILE C 17 -5.29 32.82 -0.47
C ILE C 17 -5.54 34.33 -0.42
N GLU C 18 -6.00 34.87 -1.55
CA GLU C 18 -6.24 36.31 -1.61
C GLU C 18 -7.65 36.75 -1.23
N ALA C 19 -8.57 35.79 -1.11
CA ALA C 19 -9.94 36.15 -0.77
C ALA C 19 -10.89 34.95 -0.65
N LYS C 20 -12.03 35.20 -0.02
CA LYS C 20 -13.04 34.16 0.15
C LYS C 20 -14.20 34.58 -0.73
N LEU C 21 -14.50 33.78 -1.75
CA LEU C 21 -15.57 34.10 -2.67
C LEU C 21 -16.95 33.53 -2.30
N LEU C 22 -16.99 32.37 -1.67
CA LEU C 22 -18.30 31.80 -1.37
C LEU C 22 -18.34 30.91 -0.13
N ASP C 23 -19.48 30.90 0.53
CA ASP C 23 -19.68 30.08 1.72
C ASP C 23 -21.13 29.64 1.80
N VAL C 24 -21.35 28.33 1.73
CA VAL C 24 -22.69 27.80 1.84
C VAL C 24 -22.63 26.52 2.64
N ARG C 25 -23.21 26.54 3.83
CA ARG C 25 -23.24 25.38 4.68
C ARG C 25 -24.59 24.73 4.46
N SER C 26 -24.65 23.41 4.57
CA SER C 26 -25.88 22.67 4.39
C SER C 26 -26.12 21.82 5.63
N GLU C 27 -27.31 21.25 5.71
CA GLU C 27 -27.69 20.40 6.82
C GLU C 27 -26.91 19.10 6.72
N HIS C 28 -25.90 19.09 5.84
CA HIS C 28 -25.08 17.90 5.63
C HIS C 28 -23.68 18.18 5.11
N ASN C 29 -23.50 19.28 4.39
CA ASN C 29 -22.20 19.64 3.82
C ASN C 29 -21.88 21.11 4.00
N ILE C 30 -20.60 21.44 3.85
CA ILE C 30 -20.10 22.81 3.95
C ILE C 30 -19.12 23.01 2.80
N LEU C 31 -19.33 24.07 2.03
CA LEU C 31 -18.44 24.38 0.92
C LEU C 31 -17.95 25.83 1.02
N GLU C 32 -16.68 26.04 0.69
CA GLU C 32 -16.09 27.37 0.71
C GLU C 32 -15.12 27.51 -0.45
N ILE C 33 -15.31 28.55 -1.27
CA ILE C 33 -14.41 28.78 -2.39
C ILE C 33 -13.47 29.95 -2.09
N PHE C 34 -12.17 29.76 -2.33
CA PHE C 34 -11.15 30.78 -2.08
C PHE C 34 -10.46 31.14 -3.38
N LYS C 35 -9.95 32.37 -3.48
CA LYS C 35 -9.24 32.80 -4.67
C LYS C 35 -7.76 32.56 -4.44
N SER C 36 -7.15 31.76 -5.32
CA SER C 36 -5.72 31.44 -5.19
C SER C 36 -4.82 31.89 -6.34
N LYS C 37 -3.69 32.49 -5.97
CA LYS C 37 -2.69 32.96 -6.93
C LYS C 37 -1.97 31.78 -7.58
N ASP C 38 -2.05 30.63 -6.92
CA ASP C 38 -1.42 29.40 -7.40
C ASP C 38 -2.40 28.52 -8.19
N PHE C 39 -3.56 28.27 -7.61
CA PHE C 39 -4.56 27.41 -8.22
C PHE C 39 -5.78 28.12 -8.82
N GLY C 40 -5.77 29.45 -8.82
CA GLY C 40 -6.91 30.18 -9.35
C GLY C 40 -7.99 30.27 -8.29
N GLU C 41 -8.64 29.14 -8.01
CA GLU C 41 -9.67 29.06 -6.98
C GLU C 41 -9.59 27.74 -6.24
N ILE C 42 -9.67 27.80 -4.92
CA ILE C 42 -9.64 26.60 -4.11
C ILE C 42 -10.99 26.39 -3.46
N ALA C 43 -11.56 25.21 -3.64
CA ALA C 43 -12.85 24.90 -3.05
C ALA C 43 -12.62 23.95 -1.88
N MET C 44 -13.06 24.32 -0.68
CA MET C 44 -12.91 23.43 0.45
C MET C 44 -14.26 22.80 0.70
N LEU C 45 -14.36 21.54 0.30
CA LEU C 45 -15.58 20.76 0.44
C LEU C 45 -15.45 19.73 1.55
N ASN C 46 -15.89 20.10 2.74
CA ASN C 46 -15.83 19.20 3.88
C ASN C 46 -14.47 18.54 4.10
N ARG C 47 -13.51 19.37 4.44
CA ARG C 47 -12.14 18.96 4.72
C ARG C 47 -11.36 18.36 3.57
N GLN C 48 -11.76 18.68 2.34
CA GLN C 48 -11.04 18.23 1.17
C GLN C 48 -10.95 19.39 0.21
N LEU C 49 -9.80 19.51 -0.44
CA LEU C 49 -9.57 20.60 -1.37
C LEU C 49 -9.73 20.27 -2.83
N LEU C 50 -10.09 21.27 -3.60
CA LEU C 50 -10.26 21.12 -5.04
C LEU C 50 -9.61 22.36 -5.64
N PHE C 51 -8.72 22.13 -6.60
CA PHE C 51 -8.01 23.22 -7.24
C PHE C 51 -8.54 23.48 -8.64
N LYS C 52 -9.29 24.57 -8.79
CA LYS C 52 -9.87 24.94 -10.08
C LYS C 52 -8.85 24.72 -11.19
N ASN C 53 -7.62 25.14 -10.92
CA ASN C 53 -6.52 25.00 -11.86
C ASN C 53 -6.29 23.59 -12.41
N PHE C 54 -6.59 22.59 -11.60
CA PHE C 54 -6.35 21.20 -11.98
C PHE C 54 -7.56 20.28 -11.98
N LEU C 55 -8.73 20.82 -12.29
CA LEU C 55 -9.94 20.00 -12.34
C LEU C 55 -9.90 19.04 -13.53
N HIS C 56 -9.13 19.38 -14.55
CA HIS C 56 -9.00 18.52 -15.73
C HIS C 56 -8.22 17.23 -15.43
N ILE C 57 -7.26 17.32 -14.51
CA ILE C 57 -6.47 16.16 -14.18
C ILE C 57 -7.30 14.96 -13.71
N GLU C 58 -7.90 15.02 -12.52
CA GLU C 58 -8.70 13.90 -12.04
C GLU C 58 -9.92 13.61 -12.92
N SER C 59 -10.54 14.65 -13.47
CA SER C 59 -11.72 14.43 -14.30
C SER C 59 -11.37 13.64 -15.58
N GLU C 60 -10.29 14.04 -16.22
CA GLU C 60 -9.87 13.38 -17.43
C GLU C 60 -9.38 11.98 -17.15
N LEU C 61 -8.69 11.79 -16.03
CA LEU C 61 -8.15 10.48 -15.68
C LEU C 61 -9.19 9.40 -15.39
N LEU C 62 -10.17 9.69 -14.55
CA LEU C 62 -11.19 8.70 -14.21
C LEU C 62 -12.12 8.44 -15.38
N ALA C 63 -12.61 9.51 -15.96
CA ALA C 63 -13.54 9.40 -17.08
C ALA C 63 -12.98 8.54 -18.22
N HIS C 64 -11.75 8.83 -18.63
CA HIS C 64 -11.15 8.13 -19.75
C HIS C 64 -10.53 6.80 -19.40
N MET C 65 -10.24 6.57 -18.13
CA MET C 65 -9.69 5.28 -17.79
C MET C 65 -10.85 4.32 -17.93
N GLY C 66 -12.05 4.79 -17.60
CA GLY C 66 -13.22 3.97 -17.76
C GLY C 66 -13.57 3.87 -19.24
N GLY C 67 -13.79 5.03 -19.85
CA GLY C 67 -14.17 5.10 -21.25
C GLY C 67 -13.33 4.32 -22.24
N CYS C 68 -12.00 4.43 -22.12
CA CYS C 68 -11.09 3.77 -23.05
C CYS C 68 -10.78 2.31 -22.74
N THR C 69 -11.41 1.77 -21.71
CA THR C 69 -11.21 0.37 -21.39
C THR C 69 -12.50 -0.41 -21.58
N LYS C 70 -13.58 0.32 -21.84
CA LYS C 70 -14.89 -0.30 -22.06
C LYS C 70 -15.30 -0.28 -23.52
N LYS C 71 -15.64 -1.45 -24.07
CA LYS C 71 -16.05 -1.53 -25.46
C LYS C 71 -17.30 -0.69 -25.67
N GLU C 72 -18.27 -0.82 -24.76
CA GLU C 72 -19.52 -0.10 -24.89
C GLU C 72 -19.86 0.79 -23.71
N LEU C 73 -20.14 2.06 -23.98
CA LEU C 73 -20.48 3.00 -22.92
C LEU C 73 -21.84 3.65 -23.20
N LYS C 74 -22.88 3.17 -22.55
CA LYS C 74 -24.20 3.74 -22.76
C LYS C 74 -24.85 4.27 -21.47
N GLU C 75 -24.58 3.60 -20.35
CA GLU C 75 -25.13 4.04 -19.07
C GLU C 75 -24.06 4.21 -18.01
N VAL C 76 -24.00 5.39 -17.40
CA VAL C 76 -23.02 5.64 -16.35
C VAL C 76 -23.70 6.10 -15.07
N LEU C 77 -23.06 5.80 -13.94
CA LEU C 77 -23.61 6.17 -12.64
C LEU C 77 -22.53 6.84 -11.80
N ILE C 78 -22.88 7.98 -11.20
CA ILE C 78 -21.96 8.71 -10.35
C ILE C 78 -22.63 9.01 -9.00
N VAL C 79 -22.12 8.40 -7.93
CA VAL C 79 -22.66 8.61 -6.60
C VAL C 79 -21.61 9.15 -5.64
N ASP C 80 -22.09 9.76 -4.55
CA ASP C 80 -21.25 10.32 -3.50
C ASP C 80 -20.26 11.40 -3.91
N GLY C 81 -20.64 12.29 -4.82
CA GLY C 81 -19.74 13.36 -5.22
C GLY C 81 -20.43 14.59 -5.78
N PHE C 82 -19.67 15.64 -6.05
CA PHE C 82 -20.21 16.88 -6.60
C PHE C 82 -19.46 17.27 -7.88
N ASP C 83 -18.50 16.45 -8.25
CA ASP C 83 -17.67 16.71 -9.43
C ASP C 83 -18.37 16.52 -10.77
N LEU C 84 -18.84 17.62 -11.34
CA LEU C 84 -19.53 17.60 -12.62
C LEU C 84 -18.53 17.60 -13.78
N GLU C 85 -17.26 17.83 -13.48
CA GLU C 85 -16.26 17.81 -14.53
C GLU C 85 -16.06 16.38 -15.01
N LEU C 86 -16.18 15.43 -14.08
CA LEU C 86 -16.05 14.04 -14.47
C LEU C 86 -17.06 13.86 -15.59
N ALA C 87 -18.28 14.32 -15.33
CA ALA C 87 -19.39 14.21 -16.27
C ALA C 87 -19.13 14.83 -17.64
N HIS C 88 -18.44 15.97 -17.65
CA HIS C 88 -18.12 16.65 -18.90
C HIS C 88 -17.19 15.81 -19.77
N GLN C 89 -16.27 15.12 -19.11
CA GLN C 89 -15.31 14.28 -19.83
C GLN C 89 -15.94 13.00 -20.32
N LEU C 90 -16.86 12.44 -19.51
CA LEU C 90 -17.55 11.21 -19.87
C LEU C 90 -18.51 11.40 -21.06
N PHE C 91 -19.01 12.62 -21.22
CA PHE C 91 -19.92 12.97 -22.31
C PHE C 91 -19.18 13.05 -23.64
N LYS C 92 -17.85 12.91 -23.58
CA LYS C 92 -17.05 12.92 -24.79
C LYS C 92 -17.23 11.56 -25.45
N TYR C 93 -18.07 10.77 -24.80
CA TYR C 93 -18.45 9.44 -25.28
C TYR C 93 -19.94 9.58 -25.54
N ASP C 94 -20.49 8.63 -26.27
CA ASP C 94 -21.91 8.65 -26.61
C ASP C 94 -22.58 7.88 -25.46
N THR C 95 -22.79 8.55 -24.33
CA THR C 95 -23.36 7.85 -23.16
C THR C 95 -24.31 8.67 -22.30
N HIS C 96 -25.13 7.96 -21.55
CA HIS C 96 -26.07 8.60 -20.64
C HIS C 96 -25.43 8.59 -19.25
N ILE C 97 -25.69 9.65 -18.48
CA ILE C 97 -25.13 9.76 -17.15
C ILE C 97 -26.19 9.99 -16.07
N ASP C 98 -26.13 9.18 -15.03
CA ASP C 98 -27.05 9.31 -13.90
C ASP C 98 -26.25 9.85 -12.73
N PHE C 99 -26.47 11.11 -12.37
CA PHE C 99 -25.74 11.72 -11.26
C PHE C 99 -26.62 11.70 -10.02
N VAL C 100 -26.16 11.08 -8.94
CA VAL C 100 -26.96 11.04 -7.72
C VAL C 100 -26.30 11.87 -6.62
N GLN C 101 -26.91 13.01 -6.32
CA GLN C 101 -26.45 13.89 -5.26
C GLN C 101 -27.66 14.51 -4.61
N ALA C 102 -27.83 14.21 -3.32
CA ALA C 102 -28.96 14.74 -2.57
C ALA C 102 -28.82 16.22 -2.24
N ASP C 103 -27.58 16.69 -2.04
CA ASP C 103 -27.34 18.08 -1.72
C ASP C 103 -27.30 19.07 -2.89
N GLU C 104 -28.48 19.43 -3.38
CA GLU C 104 -28.59 20.37 -4.50
C GLU C 104 -27.93 21.69 -4.13
N LYS C 105 -28.29 22.21 -2.96
CA LYS C 105 -27.73 23.48 -2.50
C LYS C 105 -26.22 23.53 -2.76
N ILE C 106 -25.46 22.64 -2.13
CA ILE C 106 -24.01 22.61 -2.34
C ILE C 106 -23.68 22.46 -3.82
N LEU C 107 -24.23 21.42 -4.46
CA LEU C 107 -23.99 21.18 -5.87
C LEU C 107 -24.09 22.41 -6.76
N ASP C 108 -25.23 23.11 -6.70
CA ASP C 108 -25.48 24.32 -7.50
C ASP C 108 -24.51 25.44 -7.17
N SER C 109 -23.97 25.42 -5.96
CA SER C 109 -23.01 26.44 -5.54
C SER C 109 -21.69 26.38 -6.28
N PHE C 110 -21.55 25.40 -7.18
CA PHE C 110 -20.32 25.24 -7.96
C PHE C 110 -20.44 25.98 -9.30
N ILE C 111 -21.62 26.56 -9.51
CA ILE C 111 -21.96 27.31 -10.72
C ILE C 111 -20.77 27.95 -11.48
N SER C 112 -19.81 28.52 -10.75
CA SER C 112 -18.66 29.16 -11.38
C SER C 112 -17.34 28.40 -11.24
N PHE C 113 -17.27 27.55 -10.23
CA PHE C 113 -16.05 26.78 -9.99
C PHE C 113 -15.77 25.82 -11.14
N PHE C 114 -16.74 24.97 -11.46
CA PHE C 114 -16.61 24.01 -12.55
C PHE C 114 -16.77 24.68 -13.92
N PRO C 115 -15.68 24.75 -14.69
CA PRO C 115 -15.74 25.37 -16.01
C PRO C 115 -16.89 24.95 -16.91
N HIS C 116 -17.26 23.68 -16.87
CA HIS C 116 -18.33 23.18 -17.72
C HIS C 116 -19.63 22.91 -16.97
N PHE C 117 -19.91 23.70 -15.95
CA PHE C 117 -21.13 23.54 -15.16
C PHE C 117 -22.42 23.48 -15.97
N HIS C 118 -22.71 24.55 -16.71
CA HIS C 118 -23.93 24.60 -17.50
C HIS C 118 -23.96 23.59 -18.63
N GLU C 119 -22.83 23.42 -19.31
CA GLU C 119 -22.73 22.47 -20.41
C GLU C 119 -23.06 21.05 -19.97
N VAL C 120 -22.86 20.78 -18.68
CA VAL C 120 -23.14 19.47 -18.13
C VAL C 120 -24.55 19.35 -17.59
N LYS C 121 -25.00 20.37 -16.86
CA LYS C 121 -26.34 20.37 -16.27
C LYS C 121 -27.46 20.44 -17.29
N ASN C 122 -27.17 20.99 -18.46
CA ASN C 122 -28.18 21.14 -19.51
C ASN C 122 -28.03 20.13 -20.64
N ASN C 123 -27.25 19.09 -20.40
CA ASN C 123 -27.06 18.04 -21.39
C ASN C 123 -28.33 17.19 -21.39
N LYS C 124 -28.83 16.87 -22.57
CA LYS C 124 -30.05 16.08 -22.67
C LYS C 124 -29.87 14.68 -22.09
N ASN C 125 -28.63 14.19 -22.10
CA ASN C 125 -28.33 12.86 -21.60
C ASN C 125 -27.90 12.86 -20.14
N PHE C 126 -27.89 14.03 -19.52
CA PHE C 126 -27.52 14.14 -18.10
C PHE C 126 -28.72 14.28 -17.21
N THR C 127 -28.97 13.26 -16.40
CA THR C 127 -30.08 13.34 -15.47
C THR C 127 -29.57 13.35 -14.04
N HIS C 128 -29.87 14.44 -13.34
CA HIS C 128 -29.47 14.62 -11.94
C HIS C 128 -30.62 14.20 -11.00
N ALA C 129 -30.35 13.27 -10.07
CA ALA C 129 -31.37 12.82 -9.13
C ALA C 129 -30.94 12.92 -7.66
N LYS C 130 -31.89 13.30 -6.79
CA LYS C 130 -31.61 13.46 -5.36
C LYS C 130 -31.09 12.16 -4.74
N GLN C 131 -31.68 11.03 -5.15
CA GLN C 131 -31.28 9.73 -4.64
C GLN C 131 -31.48 8.64 -5.66
N LEU C 132 -31.05 7.42 -5.31
CA LEU C 132 -31.16 6.27 -6.19
C LEU C 132 -32.58 5.91 -6.58
N LEU C 133 -33.49 5.92 -5.60
CA LEU C 133 -34.89 5.60 -5.85
C LEU C 133 -35.56 6.53 -6.85
N ASP C 134 -34.90 7.64 -7.17
CA ASP C 134 -35.42 8.59 -8.15
C ASP C 134 -34.96 8.29 -9.58
N LEU C 135 -34.42 7.09 -9.80
CA LEU C 135 -33.97 6.74 -11.15
C LEU C 135 -34.60 5.46 -11.66
N ASP C 136 -34.80 5.40 -12.97
CA ASP C 136 -35.30 4.18 -13.58
C ASP C 136 -34.25 3.16 -13.20
N ILE C 137 -34.67 1.93 -12.90
CA ILE C 137 -33.68 0.92 -12.53
C ILE C 137 -33.09 0.32 -13.79
N LYS C 138 -31.81 -0.05 -13.70
CA LYS C 138 -31.08 -0.63 -14.81
C LYS C 138 -29.67 -0.95 -14.36
N LYS C 139 -28.94 -1.63 -15.24
CA LYS C 139 -27.56 -2.00 -14.96
C LYS C 139 -26.66 -1.11 -15.80
N TYR C 140 -25.63 -0.54 -15.17
CA TYR C 140 -24.72 0.38 -15.87
C TYR C 140 -23.44 -0.27 -16.39
N ASP C 141 -22.71 0.48 -17.21
CA ASP C 141 -21.45 0.01 -17.79
C ASP C 141 -20.26 0.50 -16.98
N LEU C 142 -20.47 1.58 -16.24
CA LEU C 142 -19.42 2.20 -15.45
C LEU C 142 -20.03 2.90 -14.25
N ILE C 143 -19.50 2.64 -13.05
CA ILE C 143 -20.01 3.29 -11.85
C ILE C 143 -18.86 4.05 -11.20
N PHE C 144 -19.11 5.29 -10.77
CA PHE C 144 -18.07 6.07 -10.10
C PHE C 144 -18.51 6.41 -8.67
N CYS C 145 -17.61 6.19 -7.72
CA CYS C 145 -17.85 6.47 -6.31
C CYS C 145 -16.81 7.51 -5.89
N LEU C 146 -17.25 8.75 -5.67
CA LEU C 146 -16.35 9.85 -5.32
C LEU C 146 -15.81 9.92 -3.89
N GLN C 147 -16.27 9.03 -3.01
CA GLN C 147 -15.80 8.98 -1.64
C GLN C 147 -15.49 7.52 -1.39
N GLU C 148 -14.40 7.22 -0.68
CA GLU C 148 -14.06 5.83 -0.41
C GLU C 148 -15.30 5.16 0.18
N PRO C 149 -15.90 4.22 -0.56
CA PRO C 149 -17.10 3.50 -0.12
C PRO C 149 -16.78 2.36 0.83
N ASP C 150 -17.75 2.00 1.66
CA ASP C 150 -17.59 0.92 2.60
C ASP C 150 -18.08 -0.39 1.98
N ILE C 151 -18.01 -1.46 2.78
CA ILE C 151 -18.41 -2.79 2.35
C ILE C 151 -19.86 -2.82 1.84
N HIS C 152 -20.72 -2.03 2.47
CA HIS C 152 -22.12 -1.99 2.06
C HIS C 152 -22.30 -1.22 0.76
N ARG C 153 -21.74 -0.02 0.72
CA ARG C 153 -21.83 0.83 -0.46
C ARG C 153 -21.29 0.07 -1.66
N ILE C 154 -20.24 -0.72 -1.41
CA ILE C 154 -19.61 -1.54 -2.45
C ILE C 154 -20.61 -2.57 -2.98
N ASP C 155 -21.20 -3.36 -2.09
CA ASP C 155 -22.16 -4.38 -2.49
C ASP C 155 -23.37 -3.79 -3.21
N GLY C 156 -23.96 -2.75 -2.62
CA GLY C 156 -25.12 -2.13 -3.22
C GLY C 156 -24.86 -1.68 -4.64
N LEU C 157 -23.64 -1.21 -4.88
CA LEU C 157 -23.28 -0.74 -6.20
C LEU C 157 -22.88 -1.84 -7.18
N LYS C 158 -22.37 -2.95 -6.66
CA LYS C 158 -21.93 -4.05 -7.50
C LYS C 158 -23.07 -4.79 -8.23
N ARG C 159 -24.27 -4.76 -7.67
CA ARG C 159 -25.42 -5.43 -8.27
C ARG C 159 -26.04 -4.57 -9.35
N MET C 160 -25.82 -3.27 -9.27
CA MET C 160 -26.34 -2.31 -10.24
C MET C 160 -25.38 -2.29 -11.43
N LEU C 161 -24.46 -3.22 -11.45
CA LEU C 161 -23.45 -3.31 -12.51
C LEU C 161 -23.74 -4.38 -13.55
N LYS C 162 -23.40 -4.08 -14.81
CA LYS C 162 -23.60 -5.02 -15.92
C LYS C 162 -22.53 -6.11 -15.84
N GLU C 163 -22.77 -7.24 -16.50
CA GLU C 163 -21.79 -8.33 -16.52
C GLU C 163 -20.44 -7.75 -16.91
N ASP C 164 -20.47 -6.87 -17.91
CA ASP C 164 -19.30 -6.19 -18.44
C ASP C 164 -18.79 -5.07 -17.55
N GLY C 165 -19.59 -4.73 -16.54
CA GLY C 165 -19.31 -3.63 -15.62
C GLY C 165 -17.93 -3.28 -15.09
N VAL C 166 -17.73 -1.98 -14.86
CA VAL C 166 -16.47 -1.46 -14.31
C VAL C 166 -16.83 -0.50 -13.19
N PHE C 167 -16.04 -0.53 -12.11
CA PHE C 167 -16.29 0.33 -10.95
C PHE C 167 -15.00 1.04 -10.53
N ILE C 168 -15.00 2.37 -10.63
CA ILE C 168 -13.85 3.18 -10.23
C ILE C 168 -14.23 3.98 -8.99
N SER C 169 -13.48 3.77 -7.90
CA SER C 169 -13.74 4.46 -6.65
C SER C 169 -12.49 5.10 -6.06
N VAL C 170 -12.71 5.93 -5.04
CA VAL C 170 -11.64 6.65 -4.36
C VAL C 170 -11.11 6.02 -3.07
N ALA C 171 -9.83 6.24 -2.80
CA ALA C 171 -9.16 5.73 -1.59
C ALA C 171 -7.96 6.63 -1.27
N LYS C 172 -7.17 6.26 -0.26
CA LYS C 172 -6.02 7.08 0.09
C LYS C 172 -4.79 6.81 -0.80
N HIS C 173 -3.74 7.60 -0.60
CA HIS C 173 -2.55 7.39 -1.38
C HIS C 173 -1.83 6.11 -0.92
N PRO C 174 -1.58 5.19 -1.86
CA PRO C 174 -0.92 3.91 -1.59
C PRO C 174 0.41 3.90 -0.84
N LEU C 175 1.17 4.99 -0.88
CA LEU C 175 2.46 5.02 -0.19
C LEU C 175 2.34 5.66 1.19
N LEU C 176 1.79 6.87 1.20
CA LEU C 176 1.62 7.64 2.42
C LEU C 176 0.75 6.90 3.43
N GLU C 177 -0.26 6.21 2.93
CA GLU C 177 -1.21 5.47 3.75
C GLU C 177 -1.47 4.09 3.15
N HIS C 178 -0.44 3.25 3.09
CA HIS C 178 -0.60 1.93 2.51
C HIS C 178 -1.62 1.07 3.28
N VAL C 179 -1.75 1.30 4.58
CA VAL C 179 -2.72 0.54 5.37
C VAL C 179 -4.15 0.85 4.95
N SER C 180 -4.43 2.10 4.58
CA SER C 180 -5.78 2.48 4.15
C SER C 180 -6.05 1.83 2.80
N MET C 181 -5.12 2.01 1.88
CA MET C 181 -5.26 1.45 0.54
C MET C 181 -5.41 -0.07 0.61
N GLN C 182 -4.69 -0.68 1.54
CA GLN C 182 -4.75 -2.12 1.70
C GLN C 182 -6.18 -2.51 2.06
N ASN C 183 -6.78 -1.76 2.97
CA ASN C 183 -8.15 -2.06 3.38
C ASN C 183 -9.13 -1.82 2.25
N ALA C 184 -8.95 -0.72 1.52
CA ALA C 184 -9.84 -0.39 0.41
C ALA C 184 -9.83 -1.50 -0.64
N LEU C 185 -8.66 -2.10 -0.85
CA LEU C 185 -8.52 -3.17 -1.83
C LEU C 185 -9.13 -4.48 -1.36
N LYS C 186 -8.95 -4.78 -0.08
CA LYS C 186 -9.51 -6.00 0.47
C LYS C 186 -11.01 -5.94 0.26
N ASN C 187 -11.62 -4.82 0.66
CA ASN C 187 -13.06 -4.65 0.47
C ASN C 187 -13.45 -4.89 -0.99
N MET C 188 -12.77 -4.19 -1.89
CA MET C 188 -13.06 -4.35 -3.31
C MET C 188 -12.91 -5.80 -3.80
N GLY C 189 -11.86 -6.47 -3.33
CA GLY C 189 -11.61 -7.85 -3.74
C GLY C 189 -12.71 -8.82 -3.36
N GLY C 190 -13.40 -8.55 -2.26
CA GLY C 190 -14.46 -9.43 -1.81
C GLY C 190 -15.55 -9.70 -2.85
N VAL C 191 -15.74 -8.77 -3.80
CA VAL C 191 -16.76 -8.96 -4.81
C VAL C 191 -16.31 -8.80 -6.27
N PHE C 192 -15.13 -8.23 -6.48
CA PHE C 192 -14.62 -8.02 -7.84
C PHE C 192 -13.42 -8.90 -8.16
N SER C 193 -13.40 -9.44 -9.36
CA SER C 193 -12.31 -10.31 -9.81
C SER C 193 -11.09 -9.47 -10.20
N VAL C 194 -11.33 -8.18 -10.41
CA VAL C 194 -10.26 -7.27 -10.79
C VAL C 194 -10.27 -6.07 -9.85
N ALA C 195 -9.21 -5.92 -9.04
CA ALA C 195 -9.09 -4.81 -8.10
C ALA C 195 -7.67 -4.32 -8.18
N MET C 196 -7.49 -3.12 -8.72
CA MET C 196 -6.16 -2.57 -8.88
C MET C 196 -6.05 -1.10 -8.52
N PRO C 197 -5.08 -0.76 -7.67
CA PRO C 197 -4.88 0.62 -7.27
C PRO C 197 -4.10 1.43 -8.28
N PHE C 198 -4.35 2.73 -8.32
CA PHE C 198 -3.63 3.63 -9.21
C PHE C 198 -3.65 5.01 -8.60
N VAL C 199 -2.86 5.91 -9.17
CA VAL C 199 -2.76 7.28 -8.68
C VAL C 199 -2.74 8.20 -9.90
N ALA C 200 -2.76 9.50 -9.67
CA ALA C 200 -2.70 10.48 -10.76
C ALA C 200 -1.26 10.92 -10.91
N PRO C 201 -0.55 10.36 -11.90
CA PRO C 201 0.85 10.73 -12.11
C PRO C 201 1.02 12.25 -12.17
N LEU C 202 2.05 12.72 -11.46
CA LEU C 202 2.39 14.13 -11.41
C LEU C 202 1.46 14.97 -10.54
N ARG C 203 0.27 14.45 -10.22
CA ARG C 203 -0.65 15.20 -9.35
C ARG C 203 -0.14 15.07 -7.90
N ILE C 204 1.05 15.60 -7.69
CA ILE C 204 1.74 15.56 -6.40
C ILE C 204 1.04 16.34 -5.28
N LEU C 205 -0.15 16.87 -5.55
CA LEU C 205 -0.86 17.69 -4.56
C LEU C 205 -1.89 17.09 -3.61
N SER C 206 -2.21 15.81 -3.72
CA SER C 206 -3.18 15.26 -2.80
C SER C 206 -2.86 13.89 -2.25
N ASN C 207 -3.30 13.63 -1.02
CA ASN C 207 -3.12 12.34 -0.39
C ASN C 207 -4.32 11.54 -0.91
N LYS C 208 -4.26 11.15 -2.17
CA LYS C 208 -5.38 10.45 -2.78
C LYS C 208 -4.94 9.28 -3.65
N GLY C 209 -5.80 8.28 -3.70
CA GLY C 209 -5.54 7.11 -4.51
C GLY C 209 -6.85 6.71 -5.17
N TYR C 210 -6.83 5.62 -5.93
CA TYR C 210 -8.04 5.17 -6.62
C TYR C 210 -7.92 3.69 -6.89
N ILE C 211 -9.07 3.04 -7.07
CA ILE C 211 -9.11 1.61 -7.36
C ILE C 211 -9.94 1.39 -8.60
N TYR C 212 -9.46 0.50 -9.46
CA TYR C 212 -10.17 0.16 -10.66
C TYR C 212 -10.67 -1.26 -10.43
N ALA C 213 -11.98 -1.41 -10.25
CA ALA C 213 -12.56 -2.72 -10.00
C ALA C 213 -13.45 -3.21 -11.13
N SER C 214 -13.55 -4.53 -11.29
CA SER C 214 -14.39 -5.11 -12.33
C SER C 214 -14.52 -6.61 -12.17
N PHE C 215 -15.33 -7.23 -13.02
CA PHE C 215 -15.52 -8.67 -12.98
C PHE C 215 -14.67 -9.38 -14.02
N LYS C 216 -14.37 -8.68 -15.10
CA LYS C 216 -13.62 -9.27 -16.19
C LYS C 216 -12.98 -8.26 -17.13
N THR C 217 -12.72 -7.06 -16.63
CA THR C 217 -12.11 -6.04 -17.46
C THR C 217 -10.82 -5.53 -16.83
N HIS C 218 -9.71 -5.83 -17.49
CA HIS C 218 -8.39 -5.43 -17.04
C HIS C 218 -8.07 -4.00 -17.51
N PRO C 219 -7.66 -3.12 -16.58
CA PRO C 219 -7.32 -1.73 -16.90
C PRO C 219 -6.12 -1.50 -17.82
N LEU C 220 -5.20 -2.47 -17.90
CA LEU C 220 -4.03 -2.30 -18.75
C LEU C 220 -4.10 -3.07 -20.09
N LYS C 221 -4.64 -4.29 -20.01
CA LYS C 221 -4.75 -5.17 -21.16
C LYS C 221 -5.93 -4.82 -22.08
N ASP C 222 -7.00 -4.28 -21.50
CA ASP C 222 -8.21 -3.90 -22.26
C ASP C 222 -8.24 -2.42 -22.65
N LEU C 223 -7.10 -1.74 -22.53
CA LEU C 223 -7.00 -0.36 -22.91
C LEU C 223 -7.07 -0.30 -24.44
N MET C 224 -7.92 0.57 -24.98
CA MET C 224 -8.03 0.68 -26.42
C MET C 224 -7.46 2.02 -26.90
N THR C 225 -6.24 1.98 -27.43
CA THR C 225 -5.57 3.18 -27.90
C THR C 225 -6.40 4.00 -28.89
N PRO C 226 -7.13 3.33 -29.80
CA PRO C 226 -7.93 4.12 -30.73
C PRO C 226 -8.97 5.00 -30.05
N LYS C 227 -9.54 4.53 -28.95
CA LYS C 227 -10.54 5.35 -28.27
C LYS C 227 -9.81 6.53 -27.64
N ILE C 228 -8.56 6.27 -27.24
CA ILE C 228 -7.73 7.28 -26.61
C ILE C 228 -7.39 8.42 -27.56
N GLU C 229 -6.77 8.07 -28.68
CA GLU C 229 -6.35 9.04 -29.68
C GLU C 229 -7.56 9.76 -30.31
N ALA C 230 -8.73 9.15 -30.24
CA ALA C 230 -9.94 9.76 -30.79
C ALA C 230 -10.51 10.88 -29.90
N LEU C 231 -10.20 10.85 -28.60
CA LEU C 231 -10.69 11.87 -27.67
C LEU C 231 -10.17 13.26 -28.06
N THR C 232 -11.01 14.27 -27.84
CA THR C 232 -10.65 15.64 -28.18
C THR C 232 -10.65 16.61 -26.99
N SER C 233 -9.90 17.69 -27.11
CA SER C 233 -9.76 18.69 -26.05
C SER C 233 -9.35 18.17 -24.68
N VAL C 234 -8.45 17.19 -24.68
CA VAL C 234 -7.92 16.62 -23.44
C VAL C 234 -6.53 17.22 -23.22
N ARG C 235 -6.23 17.64 -21.99
CA ARG C 235 -4.95 18.28 -21.70
C ARG C 235 -4.03 17.48 -20.78
N TYR C 236 -4.52 16.38 -20.24
CA TYR C 236 -3.71 15.59 -19.32
C TYR C 236 -3.62 14.12 -19.70
N TYR C 237 -4.78 13.50 -19.88
CA TYR C 237 -4.86 12.09 -20.23
C TYR C 237 -4.27 11.73 -21.58
N ASN C 238 -3.59 10.59 -21.59
CA ASN C 238 -3.00 9.97 -22.79
C ASN C 238 -2.61 8.55 -22.35
N GLU C 239 -2.08 7.75 -23.27
CA GLU C 239 -1.71 6.38 -22.93
C GLU C 239 -0.57 6.28 -21.91
N ASP C 240 0.42 7.16 -22.02
CA ASP C 240 1.54 7.14 -21.08
C ASP C 240 1.06 7.32 -19.64
N ILE C 241 0.22 8.34 -19.42
CA ILE C 241 -0.32 8.59 -18.07
C ILE C 241 -1.17 7.43 -17.59
N HIS C 242 -1.99 6.88 -18.49
CA HIS C 242 -2.86 5.76 -18.14
C HIS C 242 -2.06 4.60 -17.59
N ARG C 243 -1.06 4.14 -18.34
CA ARG C 243 -0.25 2.99 -17.90
C ARG C 243 0.59 3.35 -16.68
N ALA C 244 1.18 4.53 -16.69
CA ALA C 244 2.00 4.97 -15.58
C ALA C 244 1.20 5.04 -14.27
N ALA C 245 -0.09 5.31 -14.37
CA ALA C 245 -0.96 5.43 -13.21
C ALA C 245 -0.97 4.18 -12.32
N PHE C 246 -0.68 3.03 -12.91
CA PHE C 246 -0.66 1.77 -12.19
C PHE C 246 0.74 1.30 -11.72
N ALA C 247 1.76 2.11 -11.97
CA ALA C 247 3.10 1.73 -11.55
C ALA C 247 3.23 1.73 -10.02
N LEU C 248 3.88 0.71 -9.50
CA LEU C 248 4.06 0.59 -8.05
C LEU C 248 5.51 0.21 -7.72
N PRO C 249 6.08 0.88 -6.71
CA PRO C 249 7.46 0.54 -6.35
C PRO C 249 7.55 -0.92 -5.93
N LYS C 250 8.77 -1.43 -5.88
CA LYS C 250 9.00 -2.83 -5.51
C LYS C 250 8.31 -3.26 -4.21
N ASN C 251 8.64 -2.58 -3.12
CA ASN C 251 8.07 -2.91 -1.82
C ASN C 251 6.54 -2.94 -1.83
N LEU C 252 5.92 -1.86 -2.32
CA LEU C 252 4.46 -1.74 -2.39
C LEU C 252 3.81 -2.89 -3.13
N GLN C 253 4.45 -3.37 -4.20
CA GLN C 253 3.87 -4.48 -4.94
C GLN C 253 3.79 -5.67 -4.00
N GLU C 254 4.80 -5.84 -3.17
CA GLU C 254 4.81 -6.95 -2.22
C GLU C 254 3.72 -6.75 -1.17
N VAL C 255 3.57 -5.52 -0.71
CA VAL C 255 2.59 -5.19 0.31
C VAL C 255 1.15 -5.43 -0.11
N PHE C 256 0.82 -5.10 -1.36
CA PHE C 256 -0.53 -5.25 -1.89
C PHE C 256 -0.72 -6.53 -2.71
N LYS C 257 0.36 -7.29 -2.89
CA LYS C 257 0.33 -8.51 -3.69
C LYS C 257 -1.00 -9.25 -3.79
N ASP C 258 -1.45 -9.85 -2.69
CA ASP C 258 -2.67 -10.63 -2.74
C ASP C 258 -3.99 -9.88 -2.60
N ASN C 259 -3.91 -8.55 -2.51
CA ASN C 259 -5.12 -7.74 -2.43
C ASN C 259 -5.33 -7.16 -3.82
N ILE C 260 -4.27 -7.22 -4.61
CA ILE C 260 -4.31 -6.76 -5.98
C ILE C 260 -4.91 -7.87 -6.82
N LYS C 261 -6.10 -7.64 -7.33
CA LYS C 261 -6.74 -8.64 -8.17
C LYS C 261 -6.47 -8.23 -9.62
N SER C 262 -5.23 -8.45 -10.06
CA SER C 262 -4.87 -8.10 -11.42
C SER C 262 -5.43 -9.13 -12.36
#